data_5SA4
#
_entry.id   5SA4
#
_cell.length_a   150.155
_cell.length_b   150.155
_cell.length_c   111.134
_cell.angle_alpha   90.000
_cell.angle_beta   90.000
_cell.angle_gamma   120.000
#
_symmetry.space_group_name_H-M   'P 63'
#
loop_
_entity.id
_entity.type
_entity.pdbx_description
1 polymer 'Uridylate-specific endoribonuclease'
2 non-polymer N-(5-methyl-1H-pyrazol-3-yl)acetamide
3 water water
#
_entity_poly.entity_id   1
_entity_poly.type   'polypeptide(L)'
_entity_poly.pdbx_seq_one_letter_code
;GAMSLENVAFNVVNKGHFDGQQGEVPVSIINNTVYTKVDGVDVELFENKTTLPVNVAFELWAKRNIKPVPEVKILNNLGV
DIAANTVIWDYKRDAPAHISTIGVCSMTDIAKKPTETICAPLTVFFDGRVDGQVDLFRNARNGVLITEGSVKGLQPSVGP
KQASLNGVTLIGEAVKTQFNYYKKVDGVVQQLPETYFTQSRNLQEFKPRSQMEIDFLELAMDEFIERYKLEGYAFEHIVY
GDFSHSQLGGLHLLIGLAKRFKESPFELEDFIPMDSTVKNYFITDAQTGSSKCVCSVIDLLLDDFVEIIKSQDLSVVSKV
VKVTIDYTEISFMLWCKDGHVETFYPKLQ
;
_entity_poly.pdbx_strand_id   A,B
#
loop_
_chem_comp.id
_chem_comp.type
_chem_comp.name
_chem_comp.formula
K3A non-polymer N-(5-methyl-1H-pyrazol-3-yl)acetamide 'C6 H9 N3 O'
#
# COMPACT_ATOMS: atom_id res chain seq x y z
N ALA A 2 -31.94 -18.46 -3.77
CA ALA A 2 -32.81 -18.88 -4.89
C ALA A 2 -32.59 -18.01 -6.13
N MET A 3 -31.54 -18.32 -6.89
CA MET A 3 -31.21 -17.62 -8.13
C MET A 3 -32.15 -18.04 -9.28
N SER A 4 -32.68 -17.05 -10.00
CA SER A 4 -33.60 -17.28 -11.11
C SER A 4 -33.59 -16.15 -12.10
N LEU A 5 -34.02 -16.43 -13.32
CA LEU A 5 -34.17 -15.43 -14.36
C LEU A 5 -35.14 -14.32 -13.91
N GLU A 6 -36.28 -14.70 -13.32
CA GLU A 6 -37.32 -13.79 -12.87
C GLU A 6 -36.87 -12.90 -11.72
N ASN A 7 -35.99 -13.44 -10.84
CA ASN A 7 -35.41 -12.69 -9.77
C ASN A 7 -34.37 -11.70 -10.27
N VAL A 8 -33.53 -12.08 -11.25
CA VAL A 8 -32.54 -11.19 -11.88
C VAL A 8 -33.31 -10.02 -12.53
N ALA A 9 -34.36 -10.34 -13.31
CA ALA A 9 -35.23 -9.36 -13.96
C ALA A 9 -35.90 -8.43 -12.94
N PHE A 10 -36.35 -8.96 -11.79
CA PHE A 10 -36.96 -8.15 -10.73
C PHE A 10 -35.93 -7.11 -10.23
N ASN A 11 -34.69 -7.56 -10.00
CA ASN A 11 -33.65 -6.69 -9.53
C ASN A 11 -33.33 -5.61 -10.54
N VAL A 12 -33.22 -5.96 -11.84
CA VAL A 12 -32.96 -4.97 -12.87
C VAL A 12 -34.06 -3.90 -12.90
N VAL A 13 -35.33 -4.33 -12.91
CA VAL A 13 -36.48 -3.42 -12.92
C VAL A 13 -36.54 -2.52 -11.67
N ASN A 14 -36.31 -3.08 -10.48
CA ASN A 14 -36.45 -2.32 -9.25
C ASN A 14 -35.21 -1.65 -8.68
N LYS A 15 -34.03 -2.19 -8.95
CA LYS A 15 -32.76 -1.71 -8.40
C LYS A 15 -31.76 -1.18 -9.42
N GLY A 16 -32.10 -1.27 -10.72
CA GLY A 16 -31.23 -0.81 -11.79
C GLY A 16 -30.13 -1.79 -12.16
N HIS A 17 -30.03 -2.91 -11.43
CA HIS A 17 -29.01 -3.95 -11.56
C HIS A 17 -29.27 -5.05 -10.51
N PHE A 18 -28.47 -6.14 -10.54
CA PHE A 18 -28.62 -7.19 -9.54
C PHE A 18 -28.14 -6.67 -8.18
N ASP A 19 -29.04 -6.70 -7.20
CA ASP A 19 -28.75 -6.19 -5.86
C ASP A 19 -29.15 -7.17 -4.74
N GLY A 20 -29.30 -8.46 -5.06
CA GLY A 20 -29.65 -9.49 -4.07
C GLY A 20 -31.03 -9.36 -3.44
N GLN A 21 -31.93 -8.60 -4.06
CA GLN A 21 -33.28 -8.40 -3.56
C GLN A 21 -34.20 -9.56 -3.88
N GLN A 22 -35.16 -9.84 -3.02
CA GLN A 22 -36.13 -10.91 -3.26
C GLN A 22 -37.26 -10.38 -4.14
N GLY A 23 -37.78 -11.23 -5.01
CA GLY A 23 -38.88 -10.84 -5.88
C GLY A 23 -38.77 -11.43 -7.27
N GLU A 24 -39.88 -11.43 -8.00
CA GLU A 24 -39.94 -11.98 -9.34
C GLU A 24 -40.83 -11.11 -10.21
N VAL A 25 -40.49 -10.98 -11.50
CA VAL A 25 -41.31 -10.28 -12.48
C VAL A 25 -41.48 -11.25 -13.67
N PRO A 26 -42.62 -11.16 -14.41
CA PRO A 26 -42.77 -12.06 -15.57
C PRO A 26 -41.76 -11.72 -16.65
N VAL A 27 -41.14 -12.75 -17.24
CA VAL A 27 -40.11 -12.54 -18.25
C VAL A 27 -40.44 -13.30 -19.51
N SER A 28 -40.15 -12.71 -20.65
CA SER A 28 -40.23 -13.43 -21.90
C SER A 28 -38.90 -13.30 -22.65
N ILE A 29 -38.42 -14.43 -23.14
CA ILE A 29 -37.19 -14.44 -23.91
C ILE A 29 -37.51 -14.68 -25.36
N ILE A 30 -37.08 -13.76 -26.24
CA ILE A 30 -37.34 -13.94 -27.67
C ILE A 30 -36.13 -13.49 -28.43
N ASN A 31 -35.69 -14.14 -29.53
N ASN A 31 -35.55 -14.56 -29.00
CA ASN A 31 -34.56 -13.65 -30.38
CA ASN A 31 -34.31 -14.72 -29.72
C ASN A 31 -33.51 -12.66 -29.72
C ASN A 31 -33.20 -14.41 -28.73
N ASN A 32 -32.69 -13.22 -28.80
CA ASN A 32 -31.62 -12.66 -28.00
C ASN A 32 -32.03 -11.49 -27.14
N THR A 33 -33.32 -11.34 -26.86
CA THR A 33 -33.82 -10.23 -26.09
C THR A 33 -34.61 -10.73 -24.87
N VAL A 34 -34.43 -10.04 -23.76
CA VAL A 34 -35.17 -10.31 -22.55
C VAL A 34 -36.18 -9.20 -22.37
N TYR A 35 -37.44 -9.55 -22.20
CA TYR A 35 -38.50 -8.59 -21.94
C TYR A 35 -39.12 -8.88 -20.59
N THR A 36 -39.81 -7.89 -20.06
CA THR A 36 -40.63 -8.05 -18.88
C THR A 36 -42.01 -7.46 -19.17
N LYS A 37 -43.06 -8.05 -18.59
CA LYS A 37 -44.40 -7.53 -18.76
C LYS A 37 -44.60 -6.37 -17.80
N VAL A 38 -44.96 -5.20 -18.35
CA VAL A 38 -45.27 -4.02 -17.56
C VAL A 38 -46.63 -3.56 -18.01
N ASP A 39 -47.66 -3.84 -17.19
CA ASP A 39 -49.03 -3.44 -17.47
C ASP A 39 -49.53 -3.95 -18.80
N GLY A 40 -49.34 -5.24 -19.02
CA GLY A 40 -49.85 -5.87 -20.23
C GLY A 40 -48.96 -5.82 -21.45
N VAL A 41 -47.94 -4.93 -21.50
CA VAL A 41 -47.05 -4.87 -22.67
C VAL A 41 -45.62 -5.24 -22.32
N ASP A 42 -44.91 -5.79 -23.30
CA ASP A 42 -43.53 -6.22 -23.11
C ASP A 42 -42.57 -5.06 -23.24
N VAL A 43 -41.67 -4.93 -22.29
CA VAL A 43 -40.68 -3.88 -22.28
C VAL A 43 -39.33 -4.55 -22.31
N GLU A 44 -38.46 -4.12 -23.22
CA GLU A 44 -37.14 -4.68 -23.36
C GLU A 44 -36.22 -4.35 -22.18
N LEU A 45 -35.63 -5.37 -21.57
CA LEU A 45 -34.68 -5.18 -20.48
C LEU A 45 -33.25 -5.38 -20.94
N PHE A 46 -33.03 -6.23 -21.95
CA PHE A 46 -31.68 -6.54 -22.37
C PHE A 46 -31.63 -7.16 -23.74
N GLU A 47 -30.65 -6.73 -24.56
CA GLU A 47 -30.41 -7.36 -25.85
C GLU A 47 -29.02 -7.97 -25.79
N ASN A 48 -28.96 -9.28 -25.99
CA ASN A 48 -27.72 -10.01 -25.96
C ASN A 48 -26.87 -9.76 -27.21
N LYS A 49 -25.71 -9.12 -27.02
CA LYS A 49 -24.68 -8.88 -28.05
C LYS A 49 -23.46 -9.81 -27.84
N THR A 50 -23.54 -10.77 -26.90
CA THR A 50 -22.48 -11.69 -26.52
C THR A 50 -22.62 -13.03 -27.26
N THR A 51 -21.61 -13.87 -27.13
CA THR A 51 -21.62 -15.24 -27.64
C THR A 51 -22.16 -16.24 -26.61
N LEU A 52 -22.65 -15.77 -25.45
CA LEU A 52 -23.24 -16.61 -24.41
C LEU A 52 -24.76 -16.73 -24.65
N PRO A 53 -25.43 -17.73 -24.04
CA PRO A 53 -26.90 -17.77 -24.12
C PRO A 53 -27.52 -16.50 -23.51
N VAL A 54 -28.59 -15.97 -24.11
CA VAL A 54 -29.27 -14.72 -23.75
C VAL A 54 -29.55 -14.59 -22.25
N ASN A 55 -30.08 -15.63 -21.58
CA ASN A 55 -30.43 -15.55 -20.15
C ASN A 55 -29.19 -15.52 -19.23
N VAL A 56 -28.11 -16.17 -19.68
CA VAL A 56 -26.85 -16.20 -18.99
C VAL A 56 -26.17 -14.83 -19.13
N ALA A 57 -26.14 -14.27 -20.36
CA ALA A 57 -25.53 -12.95 -20.57
C ALA A 57 -26.30 -11.88 -19.80
N PHE A 58 -27.64 -12.00 -19.73
CA PHE A 58 -28.49 -11.08 -19.00
C PHE A 58 -28.11 -11.07 -17.53
N GLU A 59 -27.92 -12.27 -16.95
CA GLU A 59 -27.54 -12.37 -15.55
C GLU A 59 -26.15 -11.80 -15.26
N LEU A 60 -25.16 -12.05 -16.15
CA LEU A 60 -23.81 -11.52 -15.95
C LEU A 60 -23.79 -9.99 -16.07
N TRP A 61 -24.56 -9.45 -16.99
CA TRP A 61 -24.68 -8.02 -17.16
C TRP A 61 -25.36 -7.43 -15.91
N ALA A 62 -26.47 -8.03 -15.42
CA ALA A 62 -27.13 -7.56 -14.20
C ALA A 62 -26.15 -7.59 -13.02
N LYS A 63 -25.27 -8.61 -12.98
CA LYS A 63 -24.30 -8.78 -11.89
C LYS A 63 -22.96 -8.09 -12.11
N ARG A 64 -22.91 -7.14 -13.05
CA ARG A 64 -21.72 -6.39 -13.38
C ARG A 64 -21.29 -5.54 -12.21
N ASN A 65 -20.00 -5.31 -12.11
CA ASN A 65 -19.41 -4.48 -11.09
C ASN A 65 -19.80 -3.04 -11.42
N ILE A 66 -20.47 -2.38 -10.47
CA ILE A 66 -20.90 -1.00 -10.64
C ILE A 66 -20.03 0.01 -9.85
N LYS A 67 -18.86 -0.43 -9.39
CA LYS A 67 -17.91 0.45 -8.75
C LYS A 67 -16.91 0.81 -9.84
N PRO A 68 -16.09 1.88 -9.68
CA PRO A 68 -15.04 2.14 -10.67
C PRO A 68 -14.08 0.95 -10.70
N VAL A 69 -13.85 0.38 -11.87
CA VAL A 69 -12.96 -0.77 -12.01
C VAL A 69 -11.88 -0.47 -13.03
N PRO A 70 -10.74 -1.19 -13.02
CA PRO A 70 -9.74 -0.97 -14.07
C PRO A 70 -10.35 -1.12 -15.47
N GLU A 71 -9.85 -0.34 -16.42
CA GLU A 71 -10.28 -0.47 -17.82
C GLU A 71 -9.82 -1.85 -18.32
N VAL A 72 -10.64 -2.51 -19.13
CA VAL A 72 -10.38 -3.85 -19.67
C VAL A 72 -8.98 -3.94 -20.32
N LYS A 73 -8.52 -2.89 -21.04
CA LYS A 73 -7.18 -2.89 -21.62
C LYS A 73 -6.08 -3.14 -20.58
N ILE A 74 -6.23 -2.60 -19.35
CA ILE A 74 -5.29 -2.80 -18.23
C ILE A 74 -5.32 -4.26 -17.74
N LEU A 75 -6.54 -4.78 -17.50
CA LEU A 75 -6.71 -6.16 -17.05
C LEU A 75 -6.12 -7.15 -18.05
N ASN A 76 -6.34 -6.92 -19.36
CA ASN A 76 -5.81 -7.76 -20.42
C ASN A 76 -4.29 -7.68 -20.46
N ASN A 77 -3.74 -6.47 -20.37
CA ASN A 77 -2.28 -6.28 -20.40
C ASN A 77 -1.60 -6.94 -19.22
N LEU A 78 -2.30 -7.06 -18.07
CA LEU A 78 -1.84 -7.74 -16.86
C LEU A 78 -2.15 -9.25 -16.85
N GLY A 79 -2.70 -9.79 -17.93
CA GLY A 79 -3.00 -11.20 -18.09
C GLY A 79 -4.17 -11.74 -17.29
N VAL A 80 -5.14 -10.89 -16.93
CA VAL A 80 -6.30 -11.34 -16.14
C VAL A 80 -7.19 -12.28 -16.96
N ASP A 81 -7.50 -13.46 -16.40
CA ASP A 81 -8.33 -14.48 -17.03
C ASP A 81 -9.76 -14.49 -16.51
N ILE A 82 -9.96 -14.20 -15.23
CA ILE A 82 -11.24 -14.33 -14.55
C ILE A 82 -11.27 -13.39 -13.35
N ALA A 83 -12.45 -13.03 -12.86
CA ALA A 83 -12.58 -12.18 -11.69
C ALA A 83 -13.10 -12.97 -10.52
N ALA A 84 -12.68 -12.61 -9.31
CA ALA A 84 -13.19 -13.24 -8.10
C ALA A 84 -14.49 -12.58 -7.65
N ASN A 85 -15.60 -13.31 -7.76
CA ASN A 85 -16.90 -12.96 -7.21
C ASN A 85 -17.49 -11.64 -7.68
N THR A 86 -17.27 -11.33 -8.95
CA THR A 86 -17.76 -10.14 -9.63
C THR A 86 -17.68 -10.40 -11.14
N VAL A 87 -18.34 -9.53 -11.92
CA VAL A 87 -18.28 -9.57 -13.37
C VAL A 87 -17.72 -8.21 -13.78
N ILE A 88 -16.61 -8.20 -14.54
CA ILE A 88 -16.12 -6.95 -15.12
C ILE A 88 -16.81 -6.89 -16.49
N TRP A 89 -17.75 -5.96 -16.65
CA TRP A 89 -18.45 -5.83 -17.92
C TRP A 89 -17.65 -5.00 -18.88
N ASP A 90 -17.44 -5.53 -20.06
CA ASP A 90 -16.70 -4.88 -21.12
C ASP A 90 -17.70 -4.13 -22.01
N TYR A 91 -17.83 -2.82 -21.79
CA TYR A 91 -18.72 -1.93 -22.49
C TYR A 91 -18.27 -1.66 -23.94
N LYS A 92 -16.98 -1.89 -24.27
CA LYS A 92 -16.50 -1.75 -25.65
C LYS A 92 -17.05 -2.91 -26.49
N ARG A 93 -17.15 -4.11 -25.90
CA ARG A 93 -17.65 -5.28 -26.57
C ARG A 93 -19.11 -5.63 -26.25
N ASP A 94 -19.77 -4.92 -25.31
CA ASP A 94 -21.12 -5.26 -24.81
C ASP A 94 -21.16 -6.71 -24.35
N ALA A 95 -20.13 -7.12 -23.61
CA ALA A 95 -19.99 -8.50 -23.20
C ALA A 95 -19.18 -8.62 -21.91
N PRO A 96 -19.25 -9.76 -21.20
CA PRO A 96 -18.39 -9.93 -20.02
C PRO A 96 -16.91 -9.91 -20.46
N ALA A 97 -16.04 -9.24 -19.69
CA ALA A 97 -14.62 -9.19 -20.03
C ALA A 97 -13.99 -10.58 -20.00
N HIS A 98 -14.55 -11.52 -19.21
CA HIS A 98 -13.98 -12.85 -19.04
C HIS A 98 -15.00 -13.94 -19.35
N ILE A 99 -14.55 -15.07 -19.91
CA ILE A 99 -15.43 -16.18 -20.29
C ILE A 99 -16.17 -16.79 -19.10
N SER A 100 -15.43 -17.07 -18.02
CA SER A 100 -15.94 -17.74 -16.85
C SER A 100 -16.06 -16.83 -15.65
N THR A 101 -16.76 -17.30 -14.64
CA THR A 101 -16.94 -16.56 -13.41
C THR A 101 -16.54 -17.44 -12.19
N ILE A 102 -16.44 -16.81 -11.01
CA ILE A 102 -16.21 -17.47 -9.74
C ILE A 102 -17.25 -16.88 -8.79
N GLY A 103 -18.16 -17.72 -8.30
CA GLY A 103 -19.21 -17.30 -7.36
C GLY A 103 -20.20 -16.25 -7.87
N VAL A 104 -20.50 -16.27 -9.17
CA VAL A 104 -21.41 -15.29 -9.76
C VAL A 104 -22.70 -15.91 -10.35
N CYS A 105 -22.58 -16.86 -11.28
CA CYS A 105 -23.67 -17.40 -12.06
C CYS A 105 -23.44 -18.90 -12.22
N SER A 106 -24.46 -19.72 -11.96
CA SER A 106 -24.32 -21.18 -12.02
C SER A 106 -23.94 -21.73 -13.39
N MET A 107 -24.31 -21.02 -14.47
CA MET A 107 -23.97 -21.48 -15.81
C MET A 107 -22.50 -21.21 -16.20
N THR A 108 -21.91 -20.11 -15.71
CA THR A 108 -20.55 -19.72 -16.09
C THR A 108 -19.49 -20.00 -15.02
N ASP A 109 -19.92 -20.32 -13.77
CA ASP A 109 -19.00 -20.58 -12.69
C ASP A 109 -18.17 -21.79 -12.90
N ILE A 110 -16.86 -21.62 -12.74
CA ILE A 110 -15.96 -22.76 -12.71
C ILE A 110 -15.68 -23.17 -11.25
N ALA A 111 -16.02 -22.29 -10.27
CA ALA A 111 -15.82 -22.41 -8.84
C ALA A 111 -16.73 -21.41 -8.12
N LYS A 112 -16.98 -21.60 -6.82
CA LYS A 112 -17.71 -20.67 -5.99
C LYS A 112 -16.73 -19.71 -5.29
N LYS A 113 -15.53 -20.21 -4.95
CA LYS A 113 -14.50 -19.43 -4.28
C LYS A 113 -13.20 -19.51 -5.07
N PRO A 114 -12.43 -18.39 -5.15
CA PRO A 114 -11.18 -18.42 -5.91
C PRO A 114 -10.07 -19.29 -5.30
N THR A 115 -10.29 -19.86 -4.11
CA THR A 115 -9.37 -20.77 -3.44
C THR A 115 -9.45 -22.19 -4.01
N GLU A 116 -10.50 -22.52 -4.81
CA GLU A 116 -10.67 -23.84 -5.42
C GLU A 116 -9.51 -24.11 -6.40
N THR A 117 -9.03 -25.36 -6.46
CA THR A 117 -7.85 -25.67 -7.26
C THR A 117 -8.03 -25.43 -8.75
N ILE A 118 -9.30 -25.37 -9.26
CA ILE A 118 -9.57 -25.06 -10.66
C ILE A 118 -9.02 -23.65 -11.02
N CYS A 119 -8.98 -22.72 -10.03
CA CYS A 119 -8.55 -21.34 -10.19
C CYS A 119 -7.06 -21.14 -10.13
N ALA A 120 -6.31 -22.07 -9.48
CA ALA A 120 -4.86 -21.94 -9.31
C ALA A 120 -4.10 -21.57 -10.60
N PRO A 121 -4.34 -22.21 -11.78
CA PRO A 121 -3.60 -21.79 -12.99
C PRO A 121 -4.08 -20.50 -13.68
N LEU A 122 -5.24 -19.96 -13.28
CA LEU A 122 -5.77 -18.75 -13.89
C LEU A 122 -5.36 -17.50 -13.11
N THR A 123 -5.12 -16.38 -13.81
CA THR A 123 -4.82 -15.12 -13.15
C THR A 123 -6.17 -14.51 -12.74
N VAL A 124 -6.49 -14.62 -11.45
CA VAL A 124 -7.76 -14.15 -10.90
C VAL A 124 -7.66 -12.67 -10.52
N PHE A 125 -8.66 -11.87 -10.88
CA PHE A 125 -8.70 -10.47 -10.49
C PHE A 125 -9.32 -10.40 -9.10
N PHE A 126 -8.66 -9.71 -8.17
CA PHE A 126 -9.11 -9.50 -6.81
C PHE A 126 -9.24 -8.00 -6.56
N ASP A 127 -10.27 -7.63 -5.81
CA ASP A 127 -10.58 -6.24 -5.48
C ASP A 127 -10.49 -6.05 -3.97
N GLY A 128 -9.41 -5.39 -3.55
CA GLY A 128 -9.12 -5.11 -2.16
C GLY A 128 -10.17 -4.29 -1.47
N ARG A 129 -11.04 -3.58 -2.24
CA ARG A 129 -12.15 -2.84 -1.62
C ARG A 129 -13.23 -3.80 -1.03
N VAL A 130 -13.18 -5.10 -1.34
CA VAL A 130 -14.11 -6.11 -0.85
C VAL A 130 -13.41 -6.92 0.24
N ASP A 131 -14.08 -7.11 1.36
CA ASP A 131 -13.55 -7.87 2.48
C ASP A 131 -13.05 -9.26 2.09
N GLY A 132 -11.85 -9.59 2.56
CA GLY A 132 -11.22 -10.88 2.33
C GLY A 132 -10.50 -11.07 1.01
N GLN A 133 -10.55 -10.07 0.08
CA GLN A 133 -9.94 -10.26 -1.23
C GLN A 133 -8.44 -10.10 -1.25
N VAL A 134 -7.86 -9.25 -0.40
CA VAL A 134 -6.40 -9.16 -0.28
C VAL A 134 -5.85 -10.54 0.19
N ASP A 135 -6.52 -11.16 1.19
CA ASP A 135 -6.11 -12.47 1.68
C ASP A 135 -6.24 -13.54 0.63
N LEU A 136 -7.31 -13.45 -0.19
CA LEU A 136 -7.48 -14.42 -1.27
C LEU A 136 -6.37 -14.25 -2.33
N PHE A 137 -5.90 -13.02 -2.58
CA PHE A 137 -4.78 -12.81 -3.52
C PHE A 137 -3.49 -13.44 -2.95
N ARG A 138 -3.22 -13.27 -1.64
CA ARG A 138 -2.06 -13.85 -0.98
C ARG A 138 -2.10 -15.38 -1.07
N ASN A 139 -3.28 -15.99 -1.01
CA ASN A 139 -3.41 -17.44 -1.13
C ASN A 139 -3.45 -17.95 -2.59
N ALA A 140 -3.78 -17.07 -3.55
CA ALA A 140 -3.90 -17.41 -4.97
C ALA A 140 -2.55 -17.70 -5.62
N ARG A 141 -2.47 -18.69 -6.50
CA ARG A 141 -1.25 -18.98 -7.21
C ARG A 141 -0.98 -17.88 -8.27
N ASN A 142 -2.04 -17.46 -8.98
CA ASN A 142 -1.94 -16.43 -10.01
C ASN A 142 -3.04 -15.43 -9.78
N GLY A 143 -2.70 -14.16 -9.90
CA GLY A 143 -3.70 -13.13 -9.66
C GLY A 143 -3.23 -11.72 -9.85
N VAL A 144 -4.19 -10.80 -9.90
CA VAL A 144 -3.98 -9.37 -10.02
C VAL A 144 -4.86 -8.78 -8.94
N LEU A 145 -4.30 -7.90 -8.12
CA LEU A 145 -5.04 -7.27 -7.05
C LEU A 145 -5.01 -5.77 -7.24
N ILE A 146 -6.14 -5.12 -6.96
CA ILE A 146 -6.20 -3.67 -6.89
C ILE A 146 -6.60 -3.29 -5.46
N THR A 147 -6.03 -2.18 -4.95
CA THR A 147 -6.38 -1.68 -3.65
C THR A 147 -6.43 -0.15 -3.69
N GLU A 148 -7.11 0.44 -2.70
CA GLU A 148 -7.14 1.89 -2.54
C GLU A 148 -6.03 2.41 -1.60
N GLY A 149 -5.25 1.50 -1.01
CA GLY A 149 -4.17 1.82 -0.09
C GLY A 149 -3.13 0.71 0.02
N SER A 150 -2.28 0.88 1.00
CA SER A 150 -1.16 0.04 1.37
C SER A 150 -1.58 -1.35 1.81
N VAL A 151 -0.88 -2.37 1.31
CA VAL A 151 -1.03 -3.76 1.73
C VAL A 151 0.33 -4.06 2.36
N LYS A 152 0.36 -4.44 3.64
CA LYS A 152 1.61 -4.63 4.36
C LYS A 152 2.57 -5.63 3.67
N GLY A 153 3.79 -5.18 3.41
CA GLY A 153 4.82 -5.99 2.79
C GLY A 153 4.74 -6.10 1.28
N LEU A 154 3.60 -5.75 0.66
CA LEU A 154 3.44 -5.82 -0.81
C LEU A 154 3.82 -4.54 -1.52
N GLN A 155 4.84 -4.58 -2.38
CA GLN A 155 5.32 -3.40 -3.12
C GLN A 155 4.28 -3.02 -4.17
N PRO A 156 3.76 -1.78 -4.12
CA PRO A 156 2.67 -1.42 -5.03
C PRO A 156 3.13 -0.86 -6.36
N SER A 157 2.19 -0.79 -7.28
CA SER A 157 2.39 -0.13 -8.55
C SER A 157 1.23 0.86 -8.64
N VAL A 158 1.51 2.17 -8.69
CA VAL A 158 0.44 3.15 -8.82
C VAL A 158 -0.08 3.07 -10.25
N GLY A 159 -1.35 2.73 -10.41
CA GLY A 159 -1.94 2.59 -11.74
C GLY A 159 -2.40 3.89 -12.36
N PRO A 160 -3.19 3.79 -13.46
CA PRO A 160 -3.68 5.02 -14.09
C PRO A 160 -4.64 5.80 -13.19
N LYS A 161 -4.74 7.10 -13.44
CA LYS A 161 -5.64 7.97 -12.68
C LYS A 161 -7.10 7.60 -12.91
N GLN A 162 -7.42 7.13 -14.14
CA GLN A 162 -8.77 6.82 -14.56
C GLN A 162 -9.17 5.37 -14.36
N ALA A 163 -10.47 5.18 -14.18
CA ALA A 163 -11.09 3.87 -14.07
C ALA A 163 -12.41 3.93 -14.86
N SER A 164 -13.02 2.79 -15.11
CA SER A 164 -14.29 2.71 -15.77
C SER A 164 -15.40 2.57 -14.71
N LEU A 165 -16.35 3.51 -14.69
CA LEU A 165 -17.50 3.42 -13.80
C LEU A 165 -18.75 3.30 -14.67
N ASN A 166 -19.33 2.09 -14.76
CA ASN A 166 -20.49 1.82 -15.60
C ASN A 166 -20.27 2.18 -17.06
N GLY A 167 -19.06 1.92 -17.53
CA GLY A 167 -18.68 2.19 -18.91
C GLY A 167 -18.23 3.60 -19.19
N VAL A 168 -18.19 4.46 -18.18
CA VAL A 168 -17.72 5.84 -18.34
C VAL A 168 -16.32 5.88 -17.76
N THR A 169 -15.31 6.12 -18.61
CA THR A 169 -13.95 6.24 -18.14
C THR A 169 -13.82 7.65 -17.59
N LEU A 170 -13.34 7.74 -16.35
CA LEU A 170 -13.23 9.02 -15.68
C LEU A 170 -12.17 8.99 -14.61
N ILE A 171 -11.72 10.19 -14.23
CA ILE A 171 -10.81 10.37 -13.14
C ILE A 171 -11.73 10.87 -12.01
N GLY A 172 -11.84 10.05 -10.98
CA GLY A 172 -12.75 10.28 -9.89
C GLY A 172 -12.51 11.49 -9.02
N GLU A 173 -13.61 12.14 -8.62
CA GLU A 173 -13.62 13.26 -7.70
C GLU A 173 -14.46 12.87 -6.48
N ALA A 174 -15.63 12.27 -6.71
CA ALA A 174 -16.48 11.79 -5.63
C ALA A 174 -16.16 10.33 -5.21
N VAL A 175 -15.36 9.61 -6.04
CA VAL A 175 -14.92 8.23 -5.90
C VAL A 175 -13.43 8.12 -6.23
N LYS A 176 -12.77 7.08 -5.75
CA LYS A 176 -11.38 6.83 -6.06
C LYS A 176 -11.31 5.95 -7.31
N THR A 177 -10.50 6.38 -8.30
CA THR A 177 -10.30 5.64 -9.54
C THR A 177 -8.83 5.23 -9.72
N GLN A 178 -7.89 5.81 -8.95
CA GLN A 178 -6.47 5.46 -9.05
C GLN A 178 -6.13 4.40 -8.02
N PHE A 179 -5.81 3.18 -8.47
CA PHE A 179 -5.54 2.08 -7.55
C PHE A 179 -4.07 1.70 -7.51
N ASN A 180 -3.70 0.91 -6.51
CA ASN A 180 -2.41 0.26 -6.43
C ASN A 180 -2.65 -1.07 -7.12
N TYR A 181 -1.71 -1.52 -7.92
CA TYR A 181 -1.82 -2.79 -8.63
C TYR A 181 -0.75 -3.73 -8.14
N TYR A 182 -1.09 -5.01 -8.07
CA TYR A 182 -0.21 -6.10 -7.65
C TYR A 182 -0.49 -7.31 -8.55
N LYS A 183 0.54 -8.12 -8.82
CA LYS A 183 0.38 -9.29 -9.67
C LYS A 183 1.22 -10.45 -9.14
N LYS A 184 0.68 -11.66 -9.23
CA LYS A 184 1.36 -12.88 -8.84
C LYS A 184 1.37 -13.83 -10.02
N VAL A 185 2.50 -14.49 -10.28
CA VAL A 185 2.63 -15.50 -11.33
C VAL A 185 3.28 -16.70 -10.65
N ASP A 186 2.64 -17.86 -10.67
CA ASP A 186 3.13 -19.11 -10.07
C ASP A 186 3.56 -18.99 -8.61
N GLY A 187 2.68 -18.37 -7.83
CA GLY A 187 2.83 -18.17 -6.39
C GLY A 187 3.78 -17.06 -6.05
N VAL A 188 4.39 -16.41 -7.04
CA VAL A 188 5.39 -15.40 -6.79
C VAL A 188 4.93 -14.02 -7.19
N VAL A 189 4.96 -13.07 -6.25
CA VAL A 189 4.61 -11.69 -6.51
C VAL A 189 5.59 -11.12 -7.53
N GLN A 190 5.06 -10.59 -8.62
CA GLN A 190 5.87 -10.04 -9.68
C GLN A 190 5.98 -8.54 -9.55
N GLN A 191 7.16 -8.01 -9.84
CA GLN A 191 7.38 -6.58 -9.84
C GLN A 191 6.81 -6.04 -11.16
N LEU A 192 5.82 -5.17 -11.06
CA LEU A 192 5.23 -4.56 -12.22
C LEU A 192 6.22 -3.55 -12.77
N PRO A 193 6.33 -3.48 -14.11
CA PRO A 193 7.31 -2.57 -14.69
C PRO A 193 6.91 -1.11 -14.59
N GLU A 194 7.90 -0.20 -14.71
CA GLU A 194 7.66 1.24 -14.83
C GLU A 194 6.95 1.43 -16.17
N THR A 195 5.90 2.26 -16.20
CA THR A 195 5.07 2.37 -17.38
C THR A 195 4.48 3.73 -17.59
N TYR A 196 4.18 4.03 -18.85
CA TYR A 196 3.37 5.18 -19.20
C TYR A 196 1.92 4.64 -19.19
N PHE A 197 0.96 5.55 -19.16
CA PHE A 197 -0.44 5.16 -19.25
C PHE A 197 -1.10 5.92 -20.37
N THR A 198 -1.98 5.24 -21.10
CA THR A 198 -2.77 5.90 -22.12
C THR A 198 -3.85 6.73 -21.39
N GLN A 199 -4.30 7.81 -22.04
CA GLN A 199 -5.21 8.77 -21.42
C GLN A 199 -6.69 8.44 -21.57
N SER A 200 -7.04 7.48 -22.44
CA SER A 200 -8.42 7.02 -22.61
C SER A 200 -9.44 8.10 -22.99
N ARG A 201 -9.02 9.05 -23.82
CA ARG A 201 -9.89 10.11 -24.29
C ARG A 201 -10.65 9.74 -25.58
N ASN A 202 -11.73 10.46 -25.89
CA ASN A 202 -12.55 10.31 -27.09
C ASN A 202 -12.17 11.40 -28.07
N LEU A 203 -12.46 11.16 -29.34
CA LEU A 203 -12.20 12.15 -30.38
C LEU A 203 -13.17 13.35 -30.26
N GLN A 204 -14.47 13.09 -30.01
CA GLN A 204 -15.51 14.10 -29.96
C GLN A 204 -15.54 14.92 -28.67
N GLU A 205 -14.94 14.42 -27.59
CA GLU A 205 -14.89 15.19 -26.35
C GLU A 205 -13.47 15.30 -25.81
N PHE A 206 -12.49 15.42 -26.70
CA PHE A 206 -11.09 15.52 -26.32
C PHE A 206 -10.77 16.79 -25.56
N LYS A 207 -10.12 16.66 -24.40
CA LYS A 207 -9.68 17.81 -23.61
C LYS A 207 -8.18 17.69 -23.36
N PRO A 208 -7.43 18.79 -23.54
CA PRO A 208 -5.99 18.75 -23.27
C PRO A 208 -5.70 18.61 -21.77
N ARG A 209 -4.63 17.89 -21.41
CA ARG A 209 -4.29 17.66 -20.00
C ARG A 209 -2.89 18.18 -19.62
N SER A 210 -2.39 19.17 -20.37
CA SER A 210 -1.10 19.81 -20.11
C SER A 210 -0.99 21.09 -20.96
N GLN A 211 -0.03 21.96 -20.62
CA GLN A 211 0.18 23.18 -21.39
C GLN A 211 0.63 22.84 -22.83
N MET A 212 1.44 21.79 -22.99
CA MET A 212 1.88 21.37 -24.32
C MET A 212 0.69 20.94 -25.19
N GLU A 213 -0.27 20.23 -24.59
CA GLU A 213 -1.46 19.76 -25.29
C GLU A 213 -2.38 20.92 -25.65
N ILE A 214 -2.47 21.94 -24.78
CA ILE A 214 -3.26 23.14 -25.04
C ILE A 214 -2.62 23.89 -26.22
N ASP A 215 -1.28 23.99 -26.22
CA ASP A 215 -0.52 24.63 -27.29
C ASP A 215 -0.62 23.88 -28.62
N PHE A 216 -0.69 22.55 -28.59
CA PHE A 216 -0.82 21.77 -29.82
C PHE A 216 -2.15 22.05 -30.51
N LEU A 217 -3.22 22.12 -29.72
CA LEU A 217 -4.56 22.36 -30.23
C LEU A 217 -4.82 23.81 -30.64
N GLU A 218 -4.19 24.78 -29.95
CA GLU A 218 -4.42 26.19 -30.26
C GLU A 218 -3.43 26.77 -31.27
N LEU A 219 -2.14 26.41 -31.18
CA LEU A 219 -1.12 26.93 -32.10
C LEU A 219 -1.15 26.25 -33.46
N ALA A 220 -0.61 26.92 -34.49
CA ALA A 220 -0.44 26.38 -35.84
C ALA A 220 0.74 25.39 -35.80
N MET A 221 0.76 24.45 -36.74
CA MET A 221 1.79 23.41 -36.79
C MET A 221 3.25 23.92 -36.62
N ASP A 222 3.67 24.86 -37.47
CA ASP A 222 5.04 25.34 -37.48
C ASP A 222 5.44 26.11 -36.22
N GLU A 223 4.51 26.85 -35.57
CA GLU A 223 4.87 27.56 -34.35
C GLU A 223 4.92 26.63 -33.14
N PHE A 224 4.09 25.56 -33.11
CA PHE A 224 4.15 24.59 -32.01
C PHE A 224 5.49 23.86 -32.05
N ILE A 225 5.88 23.39 -33.26
CA ILE A 225 7.14 22.67 -33.46
C ILE A 225 8.34 23.55 -33.09
N GLU A 226 8.26 24.84 -33.39
CA GLU A 226 9.30 25.81 -33.05
C GLU A 226 9.37 26.00 -31.53
N ARG A 227 8.21 26.23 -30.88
CA ARG A 227 8.11 26.43 -29.42
C ARG A 227 8.65 25.26 -28.60
N TYR A 228 8.36 24.02 -29.04
CA TYR A 228 8.79 22.84 -28.28
C TYR A 228 10.05 22.16 -28.82
N LYS A 229 10.80 22.85 -29.71
CA LYS A 229 12.07 22.38 -30.27
C LYS A 229 11.93 20.99 -30.89
N LEU A 230 10.87 20.80 -31.69
CA LEU A 230 10.57 19.52 -32.29
C LEU A 230 10.99 19.38 -33.74
N GLU A 231 11.87 20.27 -34.24
CA GLU A 231 12.36 20.18 -35.61
C GLU A 231 13.15 18.88 -35.79
N GLY A 232 12.92 18.17 -36.89
CA GLY A 232 13.61 16.92 -37.16
C GLY A 232 12.99 15.69 -36.50
N TYR A 233 11.85 15.86 -35.82
CA TYR A 233 11.18 14.74 -35.14
C TYR A 233 9.92 14.23 -35.86
N ALA A 234 9.68 14.69 -37.09
CA ALA A 234 8.59 14.29 -37.99
C ALA A 234 7.18 14.38 -37.38
N PHE A 235 6.92 15.38 -36.54
CA PHE A 235 5.59 15.58 -35.97
C PHE A 235 4.57 15.96 -37.04
N GLU A 236 5.01 16.62 -38.12
CA GLU A 236 4.20 17.00 -39.27
C GLU A 236 3.53 15.75 -39.87
N HIS A 237 4.27 14.63 -39.91
CA HIS A 237 3.82 13.34 -40.41
C HIS A 237 3.13 12.53 -39.28
N ILE A 238 3.88 12.15 -38.22
CA ILE A 238 3.44 11.33 -37.09
C ILE A 238 2.21 11.85 -36.33
N VAL A 239 2.22 13.12 -35.93
CA VAL A 239 1.17 13.66 -35.09
C VAL A 239 0.10 14.43 -35.88
N TYR A 240 0.50 15.37 -36.71
CA TYR A 240 -0.44 16.18 -37.49
C TYR A 240 -1.10 15.40 -38.61
N GLY A 241 -0.34 14.50 -39.24
CA GLY A 241 -0.85 13.72 -40.35
C GLY A 241 -0.63 14.36 -41.69
N ASP A 242 -0.40 13.55 -42.70
CA ASP A 242 -0.18 13.99 -44.07
C ASP A 242 -1.39 13.52 -44.89
N PHE A 243 -2.18 14.46 -45.38
CA PHE A 243 -3.38 14.14 -46.15
C PHE A 243 -3.22 14.47 -47.63
N SER A 244 -1.98 14.65 -48.12
CA SER A 244 -1.72 15.06 -49.51
C SER A 244 -1.66 13.93 -50.52
N HIS A 245 -1.39 12.70 -50.09
CA HIS A 245 -1.37 11.55 -51.00
C HIS A 245 -2.59 10.63 -50.77
N SER A 246 -2.82 9.65 -51.67
CA SER A 246 -3.93 8.71 -51.52
C SER A 246 -3.83 7.95 -50.20
N GLN A 247 -2.61 7.53 -49.82
CA GLN A 247 -2.41 6.93 -48.52
C GLN A 247 -2.12 8.01 -47.48
N LEU A 248 -2.99 8.09 -46.47
CA LEU A 248 -2.89 9.00 -45.34
C LEU A 248 -1.60 8.68 -44.58
N GLY A 249 -0.76 9.69 -44.40
CA GLY A 249 0.54 9.53 -43.75
C GLY A 249 0.49 9.87 -42.29
N GLY A 250 1.13 9.02 -41.49
CA GLY A 250 1.21 9.19 -40.04
C GLY A 250 -0.13 9.18 -39.33
N LEU A 251 -0.35 10.19 -38.46
CA LEU A 251 -1.57 10.37 -37.68
C LEU A 251 -1.76 9.22 -36.67
N HIS A 252 -0.79 9.05 -35.77
CA HIS A 252 -0.80 7.96 -34.80
C HIS A 252 -1.10 8.38 -33.37
N LEU A 253 -1.23 9.68 -33.08
CA LEU A 253 -1.52 10.14 -31.72
C LEU A 253 -2.95 10.67 -31.72
N LEU A 254 -3.76 10.27 -30.72
CA LEU A 254 -5.14 10.71 -30.65
C LEU A 254 -5.32 12.24 -30.68
N ILE A 255 -4.43 12.99 -30.02
CA ILE A 255 -4.51 14.46 -30.05
C ILE A 255 -4.45 15.02 -31.48
N GLY A 256 -3.67 14.39 -32.37
CA GLY A 256 -3.56 14.79 -33.76
C GLY A 256 -4.86 14.58 -34.52
N LEU A 257 -5.54 13.48 -34.21
CA LEU A 257 -6.83 13.18 -34.80
C LEU A 257 -7.89 14.16 -34.28
N ALA A 258 -7.81 14.53 -32.98
CA ALA A 258 -8.74 15.47 -32.35
C ALA A 258 -8.61 16.86 -32.99
N LYS A 259 -7.38 17.32 -33.23
CA LYS A 259 -7.12 18.61 -33.87
C LYS A 259 -7.71 18.64 -35.28
N ARG A 260 -7.52 17.55 -36.05
CA ARG A 260 -8.01 17.40 -37.42
C ARG A 260 -9.53 17.39 -37.44
N PHE A 261 -10.14 16.65 -36.50
CA PHE A 261 -11.58 16.48 -36.35
C PHE A 261 -12.33 17.79 -36.18
N LYS A 262 -11.73 18.76 -35.46
CA LYS A 262 -12.34 20.08 -35.25
C LYS A 262 -12.45 20.84 -36.57
N GLU A 263 -11.47 20.68 -37.46
CA GLU A 263 -11.47 21.35 -38.77
C GLU A 263 -12.28 20.60 -39.83
N SER A 264 -11.90 19.34 -40.12
CA SER A 264 -12.53 18.50 -41.13
C SER A 264 -12.92 17.16 -40.54
N PRO A 265 -14.13 16.66 -40.86
CA PRO A 265 -14.53 15.35 -40.35
C PRO A 265 -13.85 14.21 -41.12
N PHE A 266 -13.85 13.02 -40.52
CA PHE A 266 -13.28 11.83 -41.14
C PHE A 266 -13.92 10.58 -40.55
N GLU A 267 -13.87 9.47 -41.28
CA GLU A 267 -14.43 8.23 -40.82
C GLU A 267 -13.35 7.35 -40.20
N LEU A 268 -13.61 6.82 -38.99
CA LEU A 268 -12.70 5.91 -38.33
C LEU A 268 -13.45 4.61 -38.23
N GLU A 269 -13.04 3.59 -38.99
CA GLU A 269 -13.67 2.29 -38.88
C GLU A 269 -12.89 1.44 -37.86
N ASP A 270 -13.55 1.15 -36.74
CA ASP A 270 -13.01 0.34 -35.67
C ASP A 270 -13.26 -1.14 -36.03
N PHE A 271 -12.39 -1.73 -36.88
CA PHE A 271 -12.62 -3.07 -37.39
C PHE A 271 -12.34 -4.22 -36.37
N ILE A 272 -11.71 -3.92 -35.22
CA ILE A 272 -11.56 -4.90 -34.12
C ILE A 272 -12.07 -4.15 -32.89
N PRO A 273 -13.41 -4.11 -32.68
CA PRO A 273 -13.95 -3.30 -31.57
C PRO A 273 -13.77 -3.92 -30.17
N MET A 274 -12.72 -3.50 -29.53
CA MET A 274 -12.32 -3.95 -28.21
C MET A 274 -11.46 -2.87 -27.56
N ASP A 275 -11.32 -2.94 -26.26
CA ASP A 275 -10.49 -2.01 -25.53
C ASP A 275 -9.02 -2.46 -25.69
N SER A 276 -8.16 -1.58 -26.20
CA SER A 276 -6.74 -1.89 -26.27
C SER A 276 -5.87 -0.63 -26.23
N THR A 277 -4.65 -0.78 -25.68
CA THR A 277 -3.65 0.30 -25.57
C THR A 277 -3.41 0.98 -26.90
N VAL A 278 -3.24 0.17 -27.96
CA VAL A 278 -3.12 0.72 -29.30
C VAL A 278 -4.38 0.30 -30.08
N LYS A 279 -5.02 1.26 -30.73
CA LYS A 279 -6.21 0.98 -31.52
C LYS A 279 -5.88 1.03 -33.01
N ASN A 280 -6.56 0.22 -33.83
CA ASN A 280 -6.35 0.23 -35.28
C ASN A 280 -7.62 0.64 -35.97
N TYR A 281 -7.52 1.66 -36.84
CA TYR A 281 -8.69 2.14 -37.57
C TYR A 281 -8.46 2.20 -39.05
N PHE A 282 -9.49 1.93 -39.82
CA PHE A 282 -9.44 2.14 -41.27
C PHE A 282 -9.95 3.58 -41.37
N ILE A 283 -9.06 4.55 -41.64
CA ILE A 283 -9.45 5.95 -41.69
C ILE A 283 -9.65 6.48 -43.13
N THR A 284 -10.68 7.31 -43.33
CA THR A 284 -10.98 7.94 -44.61
C THR A 284 -11.20 9.41 -44.31
N ASP A 285 -10.33 10.28 -44.80
CA ASP A 285 -10.47 11.71 -44.58
C ASP A 285 -11.51 12.23 -45.54
N ALA A 286 -12.61 12.81 -45.04
CA ALA A 286 -13.71 13.28 -45.88
C ALA A 286 -13.35 14.45 -46.78
N GLN A 287 -12.48 15.36 -46.33
CA GLN A 287 -12.11 16.52 -47.14
C GLN A 287 -11.22 16.17 -48.35
N THR A 288 -10.15 15.43 -48.11
CA THR A 288 -9.18 15.11 -49.15
C THR A 288 -9.41 13.78 -49.87
N GLY A 289 -9.98 12.80 -49.19
CA GLY A 289 -10.08 11.45 -49.73
C GLY A 289 -8.83 10.63 -49.43
N SER A 290 -7.92 11.16 -48.60
CA SER A 290 -6.73 10.44 -48.14
C SER A 290 -7.23 9.33 -47.19
N SER A 291 -6.70 8.12 -47.32
CA SER A 291 -7.15 7.01 -46.48
C SER A 291 -6.03 6.02 -46.09
N LYS A 292 -6.26 5.21 -45.04
CA LYS A 292 -5.29 4.20 -44.61
C LYS A 292 -6.08 3.04 -44.00
N CYS A 293 -5.86 1.81 -44.51
CA CYS A 293 -6.56 0.62 -44.03
C CYS A 293 -6.30 0.34 -42.56
N VAL A 294 -5.04 0.42 -42.15
CA VAL A 294 -4.65 0.17 -40.78
C VAL A 294 -3.86 1.36 -40.27
N CYS A 295 -4.56 2.23 -39.53
CA CYS A 295 -3.92 3.38 -38.92
C CYS A 295 -3.91 3.15 -37.41
N SER A 296 -2.73 2.79 -36.87
CA SER A 296 -2.59 2.57 -35.44
C SER A 296 -2.61 3.90 -34.69
N VAL A 297 -3.43 4.01 -33.67
CA VAL A 297 -3.60 5.22 -32.90
C VAL A 297 -3.43 4.91 -31.43
N ILE A 298 -2.66 5.72 -30.75
CA ILE A 298 -2.46 5.61 -29.31
C ILE A 298 -2.80 6.96 -28.70
N ASP A 299 -3.44 6.94 -27.53
CA ASP A 299 -3.73 8.17 -26.82
C ASP A 299 -2.74 8.36 -25.69
N LEU A 300 -1.58 8.90 -26.01
CA LEU A 300 -0.59 9.22 -24.98
C LEU A 300 -0.71 10.71 -24.74
N LEU A 301 -0.37 11.18 -23.54
CA LEU A 301 -0.28 12.61 -23.26
C LEU A 301 0.86 13.14 -24.17
N LEU A 302 0.65 14.24 -24.92
CA LEU A 302 1.67 14.71 -25.87
C LEU A 302 3.08 14.83 -25.27
N ASP A 303 3.17 15.20 -23.98
CA ASP A 303 4.43 15.31 -23.26
C ASP A 303 5.11 13.96 -23.14
N ASP A 304 4.33 12.89 -22.90
CA ASP A 304 4.85 11.53 -22.78
C ASP A 304 5.37 11.04 -24.11
N PHE A 305 4.64 11.33 -25.20
CA PHE A 305 5.06 10.95 -26.55
C PHE A 305 6.35 11.67 -26.93
N VAL A 306 6.44 12.98 -26.60
CA VAL A 306 7.62 13.82 -26.87
C VAL A 306 8.83 13.25 -26.09
N GLU A 307 8.65 12.86 -24.82
CA GLU A 307 9.72 12.27 -24.02
C GLU A 307 10.22 10.97 -24.67
N ILE A 308 9.29 10.10 -25.11
CA ILE A 308 9.63 8.83 -25.77
C ILE A 308 10.43 9.08 -27.04
N ILE A 309 9.93 9.93 -27.96
CA ILE A 309 10.60 10.17 -29.24
C ILE A 309 11.95 10.87 -29.05
N LYS A 310 12.05 11.79 -28.07
CA LYS A 310 13.32 12.48 -27.80
C LYS A 310 14.34 11.62 -27.04
N SER A 311 13.94 10.45 -26.55
CA SER A 311 14.84 9.55 -25.84
C SER A 311 15.38 8.44 -26.76
N GLN A 312 15.24 8.59 -28.10
CA GLN A 312 15.68 7.57 -29.05
C GLN A 312 16.92 7.97 -29.80
N ASP A 313 17.74 6.98 -30.14
CA ASP A 313 18.93 7.19 -30.94
C ASP A 313 18.47 7.30 -32.39
N LEU A 314 18.80 8.40 -33.06
CA LEU A 314 18.35 8.64 -34.44
C LEU A 314 19.38 8.31 -35.52
N SER A 315 20.35 7.45 -35.22
CA SER A 315 21.42 7.10 -36.17
C SER A 315 21.18 5.82 -36.98
N VAL A 316 20.09 5.10 -36.71
CA VAL A 316 19.81 3.84 -37.42
C VAL A 316 18.68 4.05 -38.43
N VAL A 317 18.75 3.36 -39.58
CA VAL A 317 17.70 3.49 -40.60
C VAL A 317 16.34 3.03 -40.05
N SER A 318 16.26 1.80 -39.53
CA SER A 318 15.01 1.29 -38.97
C SER A 318 15.28 0.39 -37.79
N LYS A 319 14.43 0.48 -36.76
CA LYS A 319 14.57 -0.35 -35.58
C LYS A 319 13.30 -0.39 -34.74
N VAL A 320 13.16 -1.45 -33.95
CA VAL A 320 12.03 -1.60 -33.07
C VAL A 320 12.38 -0.92 -31.75
N VAL A 321 11.50 -0.03 -31.29
CA VAL A 321 11.61 0.73 -30.04
C VAL A 321 10.50 0.17 -29.15
N LYS A 322 10.86 -0.41 -28.01
CA LYS A 322 9.86 -0.98 -27.11
C LYS A 322 9.60 -0.05 -25.93
N VAL A 323 8.32 0.25 -25.66
CA VAL A 323 7.92 1.19 -24.61
C VAL A 323 6.84 0.55 -23.76
N THR A 324 7.01 0.53 -22.43
CA THR A 324 5.98 -0.01 -21.55
C THR A 324 4.86 1.01 -21.42
N ILE A 325 3.65 0.63 -21.83
CA ILE A 325 2.46 1.47 -21.81
C ILE A 325 1.30 0.60 -21.30
N ASP A 326 0.62 1.04 -20.25
CA ASP A 326 -0.48 0.30 -19.63
C ASP A 326 -0.02 -1.10 -19.18
N TYR A 327 1.23 -1.18 -18.66
CA TYR A 327 1.90 -2.41 -18.17
C TYR A 327 2.37 -3.37 -19.27
N THR A 328 2.05 -3.09 -20.54
CA THR A 328 2.41 -3.98 -21.64
C THR A 328 3.57 -3.40 -22.49
N GLU A 329 4.32 -4.26 -23.16
CA GLU A 329 5.39 -3.81 -24.04
C GLU A 329 4.82 -3.45 -25.41
N ILE A 330 4.87 -2.16 -25.77
CA ILE A 330 4.39 -1.72 -27.06
C ILE A 330 5.58 -1.50 -27.99
N SER A 331 5.60 -2.20 -29.12
CA SER A 331 6.67 -2.05 -30.10
C SER A 331 6.30 -0.93 -31.06
N PHE A 332 7.26 -0.06 -31.30
CA PHE A 332 7.13 1.05 -32.22
C PHE A 332 8.19 0.85 -33.28
N MET A 333 7.87 1.26 -34.48
CA MET A 333 8.81 1.21 -35.58
C MET A 333 9.39 2.61 -35.72
N LEU A 334 10.71 2.74 -35.60
CA LEU A 334 11.38 4.03 -35.74
C LEU A 334 12.21 4.07 -37.03
N TRP A 335 11.90 5.02 -37.91
CA TRP A 335 12.59 5.16 -39.18
C TRP A 335 13.30 6.50 -39.21
N CYS A 336 14.60 6.48 -39.42
CA CYS A 336 15.39 7.70 -39.45
C CYS A 336 16.18 7.84 -40.76
N LYS A 337 16.63 9.06 -41.05
CA LYS A 337 17.46 9.39 -42.22
C LYS A 337 18.25 10.63 -41.86
N ASP A 338 19.57 10.60 -42.03
CA ASP A 338 20.50 11.71 -41.78
C ASP A 338 20.37 12.35 -40.40
N GLY A 339 20.11 11.53 -39.37
CA GLY A 339 19.96 12.00 -38.01
C GLY A 339 18.60 12.57 -37.63
N HIS A 340 17.64 12.52 -38.57
CA HIS A 340 16.29 13.01 -38.29
C HIS A 340 15.26 11.90 -38.41
N VAL A 341 14.13 12.03 -37.71
CA VAL A 341 13.04 11.07 -37.78
C VAL A 341 12.31 11.21 -39.12
N GLU A 342 11.92 10.09 -39.72
CA GLU A 342 11.11 10.06 -40.92
C GLU A 342 9.69 9.65 -40.46
N THR A 343 9.59 8.57 -39.67
CA THR A 343 8.34 8.11 -39.07
C THR A 343 8.59 7.31 -37.79
N PHE A 344 7.58 7.26 -36.93
CA PHE A 344 7.62 6.55 -35.65
C PHE A 344 6.18 6.15 -35.38
N TYR A 345 5.89 4.84 -35.42
CA TYR A 345 4.51 4.38 -35.26
C TYR A 345 4.39 3.11 -34.47
N PRO A 346 3.25 2.90 -33.76
CA PRO A 346 3.05 1.61 -33.07
C PRO A 346 3.03 0.49 -34.11
N LYS A 347 4.09 -0.33 -34.11
CA LYS A 347 4.35 -1.45 -35.03
C LYS A 347 3.18 -2.41 -35.20
N LEU A 348 2.71 -2.52 -36.46
CA LEU A 348 1.57 -3.37 -36.83
C LEU A 348 2.05 -4.83 -36.89
N GLN A 349 1.64 -5.64 -35.90
CA GLN A 349 2.03 -7.05 -35.78
C GLN A 349 1.40 -7.95 -36.85
N ALA B 2 0.16 22.65 45.99
CA ALA B 2 1.51 23.04 46.43
C ALA B 2 2.56 22.02 45.99
N MET B 3 3.01 22.14 44.73
CA MET B 3 4.04 21.26 44.16
C MET B 3 5.45 21.61 44.69
N SER B 4 6.20 20.60 45.13
CA SER B 4 7.52 20.78 45.70
C SER B 4 8.36 19.53 45.59
N LEU B 5 9.67 19.70 45.66
CA LEU B 5 10.62 18.61 45.64
C LEU B 5 10.36 17.65 46.81
N GLU B 6 10.14 18.21 48.01
CA GLU B 6 9.91 17.47 49.26
C GLU B 6 8.60 16.69 49.23
N ASN B 7 7.57 17.25 48.57
CA ASN B 7 6.31 16.58 48.39
C ASN B 7 6.40 15.45 47.38
N VAL B 8 7.13 15.63 46.26
CA VAL B 8 7.37 14.58 45.27
C VAL B 8 8.10 13.42 45.95
N ALA B 9 9.18 13.73 46.70
CA ALA B 9 9.95 12.76 47.48
C ALA B 9 9.08 12.04 48.51
N PHE B 10 8.16 12.74 49.19
CA PHE B 10 7.25 12.12 50.15
C PHE B 10 6.39 11.06 49.45
N ASN B 11 5.86 11.42 48.27
CA ASN B 11 5.04 10.51 47.50
C ASN B 11 5.82 9.30 47.08
N VAL B 12 7.06 9.47 46.57
CA VAL B 12 7.88 8.34 46.17
C VAL B 12 8.12 7.39 47.36
N VAL B 13 8.53 7.93 48.51
CA VAL B 13 8.79 7.16 49.72
C VAL B 13 7.54 6.42 50.21
N ASN B 14 6.37 7.08 50.23
CA ASN B 14 5.17 6.50 50.80
C ASN B 14 4.22 5.79 49.86
N LYS B 15 4.20 6.16 48.59
CA LYS B 15 3.26 5.64 47.59
C LYS B 15 3.92 4.90 46.43
N GLY B 16 5.25 4.87 46.40
CA GLY B 16 5.99 4.20 45.34
C GLY B 16 6.12 5.01 44.06
N HIS B 17 5.50 6.20 44.01
CA HIS B 17 5.42 7.11 42.88
C HIS B 17 4.58 8.35 43.27
N PHE B 18 4.48 9.35 42.36
CA PHE B 18 3.66 10.52 42.64
C PHE B 18 2.18 10.12 42.62
N ASP B 19 1.50 10.36 43.74
CA ASP B 19 0.09 10.00 43.88
C ASP B 19 -0.78 11.14 44.44
N GLY B 20 -0.32 12.39 44.35
CA GLY B 20 -1.06 13.55 44.81
C GLY B 20 -1.27 13.65 46.32
N GLN B 21 -0.49 12.90 47.11
CA GLN B 21 -0.63 12.89 48.55
C GLN B 21 0.07 14.06 49.20
N GLN B 22 -0.48 14.56 50.30
CA GLN B 22 0.14 15.67 51.04
C GLN B 22 1.24 15.14 51.93
N GLY B 23 2.29 15.92 52.10
CA GLY B 23 3.40 15.54 52.97
C GLY B 23 4.75 15.95 52.42
N GLU B 24 5.75 15.95 53.28
CA GLU B 24 7.11 16.34 52.92
C GLU B 24 8.11 15.47 53.63
N VAL B 25 9.22 15.15 52.99
CA VAL B 25 10.34 14.42 53.59
C VAL B 25 11.60 15.25 53.31
N PRO B 26 12.62 15.21 54.20
CA PRO B 26 13.85 15.97 53.92
C PRO B 26 14.57 15.41 52.71
N VAL B 27 15.05 16.30 51.82
CA VAL B 27 15.73 15.87 50.58
C VAL B 27 17.09 16.51 50.46
N SER B 28 18.04 15.76 49.95
CA SER B 28 19.33 16.32 49.59
C SER B 28 19.65 15.97 48.13
N ILE B 29 20.13 16.97 47.41
CA ILE B 29 20.50 16.76 46.01
C ILE B 29 22.00 16.84 45.90
N ILE B 30 22.64 15.78 45.38
CA ILE B 30 24.10 15.79 45.21
C ILE B 30 24.43 15.13 43.89
N ASN B 31 25.41 15.60 43.08
N ASN B 31 24.92 16.06 43.05
CA ASN B 31 25.84 14.89 41.82
CA ASN B 31 25.24 16.02 41.63
C ASN B 31 24.81 13.92 41.13
C ASN B 31 23.94 15.73 40.91
N ASN B 32 23.76 14.51 40.54
CA ASN B 32 22.61 13.96 39.83
C ASN B 32 21.79 12.97 40.61
N THR B 33 21.91 12.96 41.92
CA THR B 33 21.21 12.01 42.77
C THR B 33 20.32 12.74 43.79
N VAL B 34 19.16 12.19 44.01
CA VAL B 34 18.23 12.68 44.99
C VAL B 34 18.23 11.69 46.15
N TYR B 35 18.47 12.19 47.37
CA TYR B 35 18.44 11.38 48.57
C TYR B 35 17.35 11.88 49.48
N THR B 36 16.94 11.04 50.42
CA THR B 36 16.06 11.41 51.49
C THR B 36 16.66 10.93 52.83
N LYS B 37 16.44 11.69 53.91
CA LYS B 37 16.93 11.29 55.21
C LYS B 37 15.96 10.28 55.81
N VAL B 38 16.47 9.11 56.18
CA VAL B 38 15.67 8.07 56.84
C VAL B 38 16.45 7.70 58.09
N ASP B 39 15.96 8.18 59.25
CA ASP B 39 16.57 7.89 60.55
C ASP B 39 18.03 8.30 60.61
N GLY B 40 18.31 9.52 60.20
CA GLY B 40 19.66 10.05 60.29
C GLY B 40 20.58 9.75 59.12
N VAL B 41 20.26 8.75 58.25
CA VAL B 41 21.13 8.46 57.10
C VAL B 41 20.46 8.72 55.77
N ASP B 42 21.25 9.08 54.76
CA ASP B 42 20.74 9.38 53.42
C ASP B 42 20.49 8.14 52.62
N VAL B 43 19.34 8.04 52.00
CA VAL B 43 18.95 6.90 51.19
C VAL B 43 18.66 7.43 49.80
N GLU B 44 19.24 6.81 48.79
CA GLU B 44 19.05 7.21 47.40
C GLU B 44 17.63 6.93 46.89
N LEU B 45 16.97 7.96 46.36
CA LEU B 45 15.65 7.83 45.76
C LEU B 45 15.69 7.82 44.24
N PHE B 46 16.68 8.51 43.64
CA PHE B 46 16.71 8.63 42.20
C PHE B 46 18.07 9.07 41.71
N GLU B 47 18.53 8.46 40.62
CA GLU B 47 19.74 8.90 39.93
C GLU B 47 19.34 9.37 38.55
N ASN B 48 19.61 10.64 38.27
CA ASN B 48 19.31 11.24 37.01
C ASN B 48 20.23 10.76 35.89
N LYS B 49 19.66 10.03 34.91
CA LYS B 49 20.35 9.58 33.68
C LYS B 49 19.91 10.41 32.45
N THR B 50 19.12 11.47 32.65
CA THR B 50 18.56 12.33 31.63
C THR B 50 19.44 13.57 31.40
N THR B 51 19.11 14.33 30.36
CA THR B 51 19.74 15.61 30.08
C THR B 51 18.98 16.79 30.74
N LEU B 52 17.95 16.51 31.56
CA LEU B 52 17.18 17.52 32.28
C LEU B 52 17.84 17.76 33.66
N PRO B 53 17.52 18.89 34.33
CA PRO B 53 18.00 19.08 35.71
C PRO B 53 17.50 17.94 36.62
N VAL B 54 18.34 17.46 37.55
CA VAL B 54 18.08 16.33 38.46
C VAL B 54 16.71 16.39 39.15
N ASN B 55 16.30 17.57 39.68
CA ASN B 55 15.04 17.68 40.41
C ASN B 55 13.81 17.64 39.49
N VAL B 56 13.96 18.12 38.27
CA VAL B 56 12.95 18.12 37.24
C VAL B 56 12.78 16.68 36.72
N ALA B 57 13.90 15.98 36.43
CA ALA B 57 13.82 14.58 35.97
C ALA B 57 13.22 13.69 37.05
N PHE B 58 13.54 13.95 38.33
CA PHE B 58 12.99 13.22 39.47
C PHE B 58 11.48 13.35 39.51
N GLU B 59 10.97 14.58 39.32
CA GLU B 59 9.55 14.80 39.32
C GLU B 59 8.83 14.14 38.14
N LEU B 60 9.42 14.18 36.94
CA LEU B 60 8.78 13.56 35.77
C LEU B 60 8.76 12.03 35.92
N TRP B 61 9.82 11.47 36.47
CA TRP B 61 9.89 10.04 36.73
C TRP B 61 8.85 9.67 37.80
N ALA B 62 8.76 10.43 38.91
CA ALA B 62 7.72 10.18 39.93
C ALA B 62 6.32 10.25 39.30
N LYS B 63 6.12 11.16 38.33
CA LYS B 63 4.83 11.36 37.67
C LYS B 63 4.59 10.52 36.43
N ARG B 64 5.41 9.47 36.24
CA ARG B 64 5.29 8.57 35.12
C ARG B 64 3.96 7.82 35.16
N ASN B 65 3.50 7.44 33.98
CA ASN B 65 2.28 6.69 33.80
C ASN B 65 2.60 5.25 34.28
N ILE B 66 1.83 4.78 35.24
CA ILE B 66 2.01 3.43 35.79
C ILE B 66 0.93 2.44 35.31
N LYS B 67 0.19 2.79 34.26
CA LYS B 67 -0.75 1.89 33.64
C LYS B 67 -0.02 1.31 32.44
N PRO B 68 -0.48 0.17 31.84
CA PRO B 68 0.15 -0.29 30.59
C PRO B 68 -0.01 0.80 29.53
N VAL B 69 1.09 1.23 28.92
CA VAL B 69 1.04 2.27 27.89
C VAL B 69 1.67 1.75 26.62
N PRO B 70 1.39 2.37 25.44
CA PRO B 70 2.09 1.94 24.22
C PRO B 70 3.61 2.01 24.41
N GLU B 71 4.33 1.10 23.78
CA GLU B 71 5.78 1.12 23.79
C GLU B 71 6.24 2.38 23.04
N VAL B 72 7.30 3.05 23.53
CA VAL B 72 7.82 4.28 22.96
C VAL B 72 8.06 4.17 21.44
N LYS B 73 8.56 3.01 20.95
CA LYS B 73 8.77 2.82 19.51
C LYS B 73 7.46 3.06 18.71
N ILE B 74 6.27 2.69 19.25
CA ILE B 74 4.97 2.89 18.62
C ILE B 74 4.60 4.38 18.60
N LEU B 75 4.73 5.05 19.75
CA LEU B 75 4.44 6.48 19.87
C LEU B 75 5.31 7.30 18.90
N ASN B 76 6.61 6.97 18.81
CA ASN B 76 7.55 7.65 17.93
C ASN B 76 7.17 7.41 16.47
N ASN B 77 6.85 6.17 16.12
CA ASN B 77 6.48 5.82 14.75
C ASN B 77 5.20 6.51 14.31
N LEU B 78 4.28 6.80 15.27
CA LEU B 78 3.05 7.52 15.03
C LEU B 78 3.21 9.05 15.13
N GLY B 79 4.43 9.55 15.31
CA GLY B 79 4.72 10.97 15.38
C GLY B 79 4.28 11.68 16.63
N VAL B 80 4.14 10.98 17.77
CA VAL B 80 3.72 11.62 19.03
C VAL B 80 4.83 12.56 19.55
N ASP B 81 4.47 13.81 19.84
CA ASP B 81 5.40 14.83 20.31
C ASP B 81 5.34 15.02 21.82
N ILE B 82 4.16 14.86 22.40
CA ILE B 82 3.90 15.17 23.81
C ILE B 82 2.69 14.37 24.28
N ALA B 83 2.58 14.15 25.58
CA ALA B 83 1.45 13.44 26.13
C ALA B 83 0.55 14.40 26.87
N ALA B 84 -0.76 14.13 26.87
CA ALA B 84 -1.73 14.94 27.59
C ALA B 84 -1.84 14.47 29.02
N ASN B 85 -1.40 15.32 29.97
CA ASN B 85 -1.55 15.15 31.42
C ASN B 85 -0.99 13.88 31.99
N THR B 86 0.12 13.43 31.44
CA THR B 86 0.85 12.26 31.88
C THR B 86 2.30 12.35 31.38
N VAL B 87 3.17 11.49 31.90
CA VAL B 87 4.54 11.36 31.44
C VAL B 87 4.68 9.91 30.98
N ILE B 88 5.08 9.71 29.71
CA ILE B 88 5.38 8.37 29.24
C ILE B 88 6.88 8.24 29.53
N TRP B 89 7.24 7.40 30.50
CA TRP B 89 8.64 7.21 30.86
C TRP B 89 9.24 6.19 29.93
N ASP B 90 10.36 6.56 29.34
CA ASP B 90 11.10 5.73 28.43
C ASP B 90 12.18 4.98 29.24
N TYR B 91 11.90 3.72 29.58
CA TYR B 91 12.76 2.85 30.36
C TYR B 91 13.98 2.38 29.58
N LYS B 92 13.95 2.43 28.23
CA LYS B 92 15.12 2.08 27.45
C LYS B 92 16.17 3.19 27.59
N ARG B 93 15.73 4.45 27.67
CA ARG B 93 16.63 5.59 27.81
C ARG B 93 16.76 6.11 29.24
N ASP B 94 15.99 5.59 30.21
CA ASP B 94 15.93 6.11 31.60
C ASP B 94 15.61 7.60 31.57
N ALA B 95 14.65 7.99 30.73
CA ALA B 95 14.32 9.39 30.54
C ALA B 95 12.88 9.57 30.11
N PRO B 96 12.32 10.79 30.22
CA PRO B 96 10.95 11.01 29.68
C PRO B 96 10.95 10.80 28.17
N ALA B 97 9.90 10.15 27.63
CA ALA B 97 9.81 9.91 26.18
C ALA B 97 9.71 11.23 25.40
N HIS B 98 9.19 12.29 26.02
CA HIS B 98 8.94 13.56 25.35
C HIS B 98 9.60 14.70 26.11
N ILE B 99 10.09 15.71 25.40
CA ILE B 99 10.79 16.87 25.96
C ILE B 99 9.91 17.67 26.93
N SER B 100 8.68 17.99 26.48
CA SER B 100 7.75 18.83 27.22
C SER B 100 6.56 18.05 27.75
N THR B 101 5.84 18.69 28.66
CA THR B 101 4.66 18.10 29.26
C THR B 101 3.44 19.04 29.12
N ILE B 102 2.25 18.52 29.45
CA ILE B 102 1.00 19.27 29.49
C ILE B 102 0.36 18.90 30.81
N GLY B 103 0.21 19.87 31.71
CA GLY B 103 -0.41 19.65 33.03
C GLY B 103 0.30 18.68 33.95
N VAL B 104 1.63 18.61 33.88
CA VAL B 104 2.40 17.68 34.72
C VAL B 104 3.40 18.36 35.69
N CYS B 105 4.31 19.18 35.18
CA CYS B 105 5.42 19.74 35.93
C CYS B 105 5.61 21.18 35.48
N SER B 106 5.72 22.12 36.42
CA SER B 106 5.85 23.53 36.09
C SER B 106 7.09 23.89 35.28
N MET B 107 8.19 23.12 35.42
CA MET B 107 9.41 23.38 34.68
C MET B 107 9.32 22.95 33.20
N THR B 108 8.59 21.86 32.91
CA THR B 108 8.52 21.31 31.54
C THR B 108 7.20 21.58 30.81
N ASP B 109 6.16 22.06 31.52
CA ASP B 109 4.87 22.35 30.93
C ASP B 109 4.89 23.44 29.91
N ILE B 110 4.33 23.15 28.74
CA ILE B 110 4.10 24.18 27.74
C ILE B 110 2.65 24.69 27.83
N ALA B 111 1.77 23.96 28.55
CA ALA B 111 0.35 24.21 28.73
C ALA B 111 -0.13 23.38 29.94
N LYS B 112 -1.30 23.72 30.50
CA LYS B 112 -1.94 22.96 31.57
C LYS B 112 -2.97 21.98 30.95
N LYS B 113 -3.61 22.38 29.84
CA LYS B 113 -4.61 21.57 29.16
C LYS B 113 -4.23 21.43 27.70
N PRO B 114 -4.46 20.24 27.10
CA PRO B 114 -4.09 20.06 25.68
C PRO B 114 -4.93 20.86 24.69
N THR B 115 -5.97 21.56 25.17
CA THR B 115 -6.82 22.43 24.35
C THR B 115 -6.17 23.79 24.09
N GLU B 116 -5.08 24.15 24.82
CA GLU B 116 -4.36 25.41 24.63
C GLU B 116 -3.76 25.46 23.22
N THR B 117 -3.75 26.65 22.59
CA THR B 117 -3.33 26.77 21.21
C THR B 117 -1.86 26.39 20.98
N ILE B 118 -1.01 26.40 22.05
CA ILE B 118 0.39 25.96 21.94
C ILE B 118 0.45 24.48 21.49
N CYS B 119 -0.56 23.67 21.84
CA CYS B 119 -0.65 22.25 21.57
C CYS B 119 -1.18 21.89 20.20
N ALA B 120 -1.97 22.80 19.58
CA ALA B 120 -2.59 22.55 18.27
C ALA B 120 -1.62 21.97 17.22
N PRO B 121 -0.40 22.52 16.99
CA PRO B 121 0.50 21.90 15.99
C PRO B 121 1.21 20.61 16.41
N LEU B 122 1.17 20.24 17.69
CA LEU B 122 1.84 19.03 18.18
C LEU B 122 0.93 17.84 18.16
N THR B 123 1.47 16.65 17.88
CA THR B 123 0.68 15.44 17.95
C THR B 123 0.63 15.03 19.42
N VAL B 124 -0.51 15.27 20.06
CA VAL B 124 -0.68 14.99 21.47
C VAL B 124 -1.18 13.56 21.68
N PHE B 125 -0.61 12.84 22.64
CA PHE B 125 -1.05 11.49 22.94
C PHE B 125 -2.20 11.59 23.94
N PHE B 126 -3.33 10.96 23.63
CA PHE B 126 -4.55 10.91 24.41
C PHE B 126 -4.84 9.47 24.77
N ASP B 127 -5.27 9.25 26.00
CA ASP B 127 -5.55 7.94 26.56
C ASP B 127 -7.03 7.87 26.93
N GLY B 128 -7.79 7.15 26.10
CA GLY B 128 -9.22 6.95 26.28
C GLY B 128 -9.62 6.32 27.59
N ARG B 129 -8.65 5.76 28.35
CA ARG B 129 -8.96 5.18 29.66
C ARG B 129 -9.15 6.25 30.76
N VAL B 130 -8.73 7.49 30.48
CA VAL B 130 -8.86 8.61 31.40
C VAL B 130 -10.06 9.44 30.92
N ASP B 131 -10.94 9.82 31.87
CA ASP B 131 -12.13 10.62 31.57
C ASP B 131 -11.81 11.89 30.77
N GLY B 132 -12.63 12.16 29.77
CA GLY B 132 -12.50 13.35 28.94
C GLY B 132 -11.43 13.33 27.87
N GLN B 133 -10.53 12.31 27.86
CA GLN B 133 -9.45 12.26 26.87
C GLN B 133 -9.92 11.93 25.48
N VAL B 134 -10.94 11.06 25.31
CA VAL B 134 -11.52 10.78 23.99
C VAL B 134 -12.13 12.08 23.41
N ASP B 135 -12.77 12.90 24.27
CA ASP B 135 -13.34 14.18 23.86
C ASP B 135 -12.27 15.22 23.54
N LEU B 136 -11.16 15.23 24.29
CA LEU B 136 -10.05 16.15 24.00
C LEU B 136 -9.35 15.82 22.65
N PHE B 137 -9.31 14.54 22.28
CA PHE B 137 -8.78 14.10 20.99
C PHE B 137 -9.69 14.65 19.85
N ARG B 138 -11.01 14.62 20.06
N ARG B 138 -11.01 14.61 20.09
CA ARG B 138 -11.99 15.14 19.12
CA ARG B 138 -12.07 15.13 19.21
C ARG B 138 -11.78 16.63 18.86
C ARG B 138 -11.83 16.61 18.89
N ASN B 139 -11.43 17.38 19.90
CA ASN B 139 -11.20 18.81 19.76
C ASN B 139 -9.76 19.18 19.37
N ALA B 140 -8.81 18.23 19.44
CA ALA B 140 -7.41 18.50 19.10
C ALA B 140 -7.13 18.48 17.61
N ARG B 141 -6.29 19.41 17.15
CA ARG B 141 -5.92 19.45 15.74
C ARG B 141 -5.07 18.22 15.40
N ASN B 142 -4.08 17.89 16.24
CA ASN B 142 -3.20 16.75 16.01
C ASN B 142 -3.14 15.88 17.24
N GLY B 143 -3.17 14.58 17.02
CA GLY B 143 -3.16 13.66 18.13
C GLY B 143 -3.26 12.19 17.80
N VAL B 144 -2.96 11.39 18.81
CA VAL B 144 -3.05 9.93 18.72
C VAL B 144 -3.86 9.51 19.93
N LEU B 145 -4.88 8.71 19.72
CA LEU B 145 -5.74 8.25 20.77
C LEU B 145 -5.66 6.73 20.91
N ILE B 146 -5.59 6.24 22.15
CA ILE B 146 -5.68 4.80 22.43
C ILE B 146 -6.97 4.54 23.23
N THR B 147 -7.66 3.46 22.92
CA THR B 147 -8.87 3.08 23.67
C THR B 147 -8.85 1.57 23.88
N GLU B 148 -9.63 1.11 24.86
CA GLU B 148 -9.84 -0.29 25.12
C GLU B 148 -11.06 -0.82 24.33
N GLY B 149 -12.00 0.06 23.96
CA GLY B 149 -13.18 -0.30 23.20
C GLY B 149 -13.41 0.59 22.01
N SER B 150 -14.61 0.52 21.43
CA SER B 150 -14.90 1.29 20.23
C SER B 150 -15.20 2.76 20.50
N VAL B 151 -14.96 3.61 19.50
CA VAL B 151 -15.23 5.04 19.51
C VAL B 151 -16.30 5.23 18.44
N LYS B 152 -17.42 5.86 18.81
CA LYS B 152 -18.55 6.05 17.89
C LYS B 152 -18.14 6.73 16.58
N GLY B 153 -18.46 6.09 15.47
CA GLY B 153 -18.18 6.61 14.13
C GLY B 153 -16.76 6.39 13.65
N LEU B 154 -15.79 6.31 14.57
CA LEU B 154 -14.40 6.12 14.18
C LEU B 154 -14.05 4.66 14.03
N GLN B 155 -13.44 4.32 12.89
CA GLN B 155 -12.96 2.96 12.67
C GLN B 155 -11.57 2.83 13.32
N PRO B 156 -11.34 1.75 14.07
CA PRO B 156 -10.07 1.62 14.77
C PRO B 156 -8.99 0.88 14.02
N SER B 157 -7.76 1.10 14.46
CA SER B 157 -6.62 0.35 13.98
C SER B 157 -6.22 -0.49 15.20
N VAL B 158 -6.27 -1.81 15.11
CA VAL B 158 -5.91 -2.66 16.23
C VAL B 158 -4.40 -2.67 16.41
N GLY B 159 -3.96 -2.20 17.57
CA GLY B 159 -2.56 -2.10 17.89
C GLY B 159 -1.94 -3.42 18.29
N PRO B 160 -0.67 -3.36 18.71
CA PRO B 160 -0.02 -4.60 19.15
C PRO B 160 -0.66 -5.18 20.41
N LYS B 161 -0.50 -6.49 20.60
CA LYS B 161 -1.04 -7.18 21.77
C LYS B 161 -0.39 -6.70 23.07
N GLN B 162 0.91 -6.33 22.99
CA GLN B 162 1.71 -5.92 24.12
C GLN B 162 1.75 -4.42 24.39
N ALA B 163 1.96 -4.09 25.65
CA ALA B 163 2.13 -2.73 26.10
C ALA B 163 3.26 -2.75 27.16
N SER B 164 3.76 -1.57 27.53
CA SER B 164 4.77 -1.44 28.55
C SER B 164 4.08 -1.08 29.89
N LEU B 165 4.27 -1.91 30.91
CA LEU B 165 3.75 -1.62 32.25
C LEU B 165 4.95 -1.47 33.19
N ASN B 166 5.27 -0.23 33.56
CA ASN B 166 6.43 0.06 34.40
C ASN B 166 7.73 -0.47 33.82
N GLY B 167 7.85 -0.40 32.50
CA GLY B 167 9.04 -0.83 31.81
C GLY B 167 9.09 -2.31 31.49
N VAL B 168 8.03 -3.05 31.82
CA VAL B 168 7.96 -4.48 31.51
C VAL B 168 7.00 -4.59 30.33
N THR B 169 7.50 -5.02 29.17
CA THR B 169 6.65 -5.22 28.02
C THR B 169 5.98 -6.56 28.21
N LEU B 170 4.66 -6.57 28.11
CA LEU B 170 3.90 -7.78 28.34
C LEU B 170 2.57 -7.75 27.62
N ILE B 171 2.00 -8.93 27.44
CA ILE B 171 0.67 -9.10 26.91
C ILE B 171 -0.17 -9.37 28.16
N GLY B 172 -1.08 -8.44 28.44
CA GLY B 172 -1.88 -8.47 29.64
C GLY B 172 -2.88 -9.60 29.76
N GLU B 173 -3.02 -10.09 30.98
CA GLU B 173 -4.01 -11.11 31.36
C GLU B 173 -4.90 -10.49 32.43
N ALA B 174 -4.31 -9.82 33.43
CA ALA B 174 -5.07 -9.15 34.47
C ALA B 174 -5.45 -7.70 34.10
N VAL B 175 -4.84 -7.15 33.03
CA VAL B 175 -4.97 -5.79 32.49
C VAL B 175 -5.04 -5.87 30.97
N LYS B 176 -5.63 -4.86 30.33
CA LYS B 176 -5.68 -4.81 28.88
C LYS B 176 -4.44 -4.07 28.37
N THR B 177 -3.74 -4.67 27.40
CA THR B 177 -2.56 -4.09 26.78
C THR B 177 -2.77 -3.84 25.27
N GLN B 178 -3.81 -4.45 24.65
CA GLN B 178 -4.09 -4.27 23.22
C GLN B 178 -5.06 -3.13 23.02
N PHE B 179 -4.57 -2.04 22.43
CA PHE B 179 -5.38 -0.84 22.27
C PHE B 179 -5.86 -0.63 20.86
N ASN B 180 -6.93 0.14 20.74
CA ASN B 180 -7.41 0.62 19.48
C ASN B 180 -6.67 1.95 19.28
N TYR B 181 -6.16 2.16 18.09
CA TYR B 181 -5.43 3.38 17.76
C TYR B 181 -6.20 4.20 16.77
N TYR B 182 -6.14 5.51 16.99
CA TYR B 182 -6.73 6.55 16.17
C TYR B 182 -5.70 7.65 16.07
N LYS B 183 -5.67 8.35 14.96
CA LYS B 183 -4.72 9.43 14.76
C LYS B 183 -5.38 10.50 13.92
N LYS B 184 -5.11 11.75 14.25
CA LYS B 184 -5.61 12.89 13.53
C LYS B 184 -4.43 13.73 13.12
N VAL B 185 -4.50 14.25 11.91
CA VAL B 185 -3.52 15.17 11.36
C VAL B 185 -4.39 16.32 10.81
N ASP B 186 -4.13 17.54 11.30
CA ASP B 186 -4.83 18.78 10.92
C ASP B 186 -6.37 18.67 10.98
N GLY B 187 -6.84 18.08 12.07
CA GLY B 187 -8.26 17.93 12.35
C GLY B 187 -8.95 16.78 11.63
N VAL B 188 -8.22 16.07 10.77
CA VAL B 188 -8.81 14.98 9.99
C VAL B 188 -8.39 13.63 10.53
N VAL B 189 -9.36 12.78 10.90
CA VAL B 189 -9.07 11.43 11.37
C VAL B 189 -8.46 10.62 10.23
N GLN B 190 -7.24 10.21 10.42
CA GLN B 190 -6.48 9.45 9.44
C GLN B 190 -6.93 8.01 9.33
N GLN B 191 -6.61 7.41 8.19
CA GLN B 191 -6.78 5.99 7.99
C GLN B 191 -5.39 5.41 8.26
N LEU B 192 -5.20 4.77 9.42
CA LEU B 192 -3.91 4.20 9.77
C LEU B 192 -3.58 3.05 8.84
N PRO B 193 -2.30 2.89 8.42
CA PRO B 193 -2.00 1.85 7.44
C PRO B 193 -2.03 0.44 8.02
N GLU B 194 -2.19 -0.56 7.13
CA GLU B 194 -2.05 -1.99 7.45
C GLU B 194 -0.60 -2.16 7.94
N THR B 195 -0.38 -2.89 9.03
CA THR B 195 0.95 -2.99 9.57
C THR B 195 1.20 -4.32 10.24
N TYR B 196 2.46 -4.71 10.23
CA TYR B 196 2.91 -5.83 11.05
C TYR B 196 3.34 -5.18 12.38
N PHE B 197 3.49 -5.97 13.40
CA PHE B 197 3.99 -5.49 14.67
C PHE B 197 5.18 -6.29 15.09
N THR B 198 6.19 -5.62 15.66
CA THR B 198 7.31 -6.34 16.25
C THR B 198 6.82 -6.96 17.57
N GLN B 199 7.45 -8.06 17.98
CA GLN B 199 7.00 -8.85 19.12
C GLN B 199 7.59 -8.42 20.46
N SER B 200 8.62 -7.56 20.46
CA SER B 200 9.22 -6.99 21.66
C SER B 200 9.72 -8.02 22.68
N ARG B 201 10.28 -9.12 22.19
CA ARG B 201 10.82 -10.14 23.06
C ARG B 201 12.29 -9.87 23.42
N ASN B 202 12.78 -10.56 24.48
CA ASN B 202 14.16 -10.49 24.96
C ASN B 202 14.88 -11.73 24.48
N LEU B 203 16.19 -11.64 24.39
CA LEU B 203 17.02 -12.77 24.02
C LEU B 203 17.03 -13.85 25.12
N GLN B 204 17.16 -13.45 26.39
CA GLN B 204 17.29 -14.36 27.52
C GLN B 204 15.97 -14.98 27.98
N GLU B 205 14.82 -14.39 27.63
CA GLU B 205 13.54 -14.99 27.99
C GLU B 205 12.63 -15.15 26.78
N PHE B 206 13.20 -15.48 25.62
CA PHE B 206 12.45 -15.64 24.40
C PHE B 206 11.49 -16.83 24.42
N LYS B 207 10.23 -16.58 24.08
CA LYS B 207 9.22 -17.64 24.00
C LYS B 207 8.59 -17.63 22.60
N PRO B 208 8.44 -18.81 21.98
CA PRO B 208 7.80 -18.86 20.66
C PRO B 208 6.30 -18.54 20.74
N ARG B 209 5.76 -17.88 19.71
CA ARG B 209 4.35 -17.49 19.72
C ARG B 209 3.55 -18.08 18.54
N SER B 210 4.03 -19.20 17.99
CA SER B 210 3.38 -19.91 16.90
C SER B 210 4.01 -21.30 16.74
N GLN B 211 3.34 -22.20 16.02
CA GLN B 211 3.89 -23.54 15.77
C GLN B 211 5.18 -23.44 14.94
N MET B 212 5.24 -22.50 13.97
CA MET B 212 6.44 -22.31 13.17
C MET B 212 7.63 -21.91 14.05
N GLU B 213 7.39 -21.02 15.03
CA GLU B 213 8.42 -20.55 15.94
C GLU B 213 8.89 -21.65 16.87
N ILE B 214 7.96 -22.53 17.31
CA ILE B 214 8.29 -23.69 18.15
C ILE B 214 9.18 -24.64 17.34
N ASP B 215 8.82 -24.87 16.08
CA ASP B 215 9.57 -25.73 15.17
C ASP B 215 10.94 -25.15 14.85
N PHE B 216 11.08 -23.81 14.73
CA PHE B 216 12.37 -23.20 14.44
C PHE B 216 13.36 -23.45 15.58
N LEU B 217 12.88 -23.31 16.81
CA LEU B 217 13.69 -23.50 18.00
C LEU B 217 14.00 -24.97 18.32
N GLU B 218 13.07 -25.88 17.99
CA GLU B 218 13.27 -27.29 18.33
C GLU B 218 13.93 -28.11 17.21
N LEU B 219 13.57 -27.86 15.95
CA LEU B 219 14.15 -28.61 14.83
C LEU B 219 15.54 -28.10 14.43
N ALA B 220 16.28 -28.95 13.70
CA ALA B 220 17.57 -28.61 13.13
C ALA B 220 17.33 -27.73 11.90
N MET B 221 18.32 -26.92 11.51
CA MET B 221 18.18 -26.00 10.38
C MET B 221 17.60 -26.62 9.10
N ASP B 222 18.20 -27.69 8.59
CA ASP B 222 17.79 -28.29 7.33
C ASP B 222 16.39 -28.91 7.36
N GLU B 223 15.95 -29.47 8.51
CA GLU B 223 14.61 -30.05 8.55
C GLU B 223 13.53 -28.98 8.70
N PHE B 224 13.84 -27.85 9.38
CA PHE B 224 12.86 -26.75 9.48
C PHE B 224 12.63 -26.14 8.08
N ILE B 225 13.72 -25.88 7.35
CA ILE B 225 13.66 -25.31 6.00
C ILE B 225 12.89 -26.23 5.05
N GLU B 226 13.07 -27.55 5.21
CA GLU B 226 12.37 -28.55 4.42
C GLU B 226 10.88 -28.54 4.75
N ARG B 227 10.53 -28.57 6.06
CA ARG B 227 9.14 -28.57 6.54
C ARG B 227 8.33 -27.36 6.08
N TYR B 228 8.95 -26.17 6.08
CA TYR B 228 8.23 -24.95 5.72
C TYR B 228 8.48 -24.46 4.29
N LYS B 229 9.07 -25.32 3.44
CA LYS B 229 9.35 -25.05 2.02
C LYS B 229 10.11 -23.75 1.83
N LEU B 230 11.17 -23.56 2.62
CA LEU B 230 11.96 -22.34 2.60
C LEU B 230 13.25 -22.44 1.83
N GLU B 231 13.42 -23.46 0.97
CA GLU B 231 14.61 -23.59 0.15
C GLU B 231 14.69 -22.40 -0.83
N GLY B 232 15.88 -21.82 -0.98
CA GLY B 232 16.09 -20.68 -1.86
C GLY B 232 15.76 -19.34 -1.26
N TYR B 233 15.37 -19.31 0.04
CA TYR B 233 15.03 -18.06 0.72
C TYR B 233 16.12 -17.53 1.67
N ALA B 234 17.31 -18.14 1.64
CA ALA B 234 18.51 -17.78 2.40
C ALA B 234 18.29 -17.66 3.93
N PHE B 235 17.44 -18.52 4.51
CA PHE B 235 17.23 -18.51 5.96
C PHE B 235 18.48 -18.94 6.72
N GLU B 236 19.32 -19.80 6.09
CA GLU B 236 20.60 -20.25 6.63
C GLU B 236 21.49 -19.04 6.98
N HIS B 237 21.46 -18.02 6.10
CA HIS B 237 22.20 -16.77 6.26
C HIS B 237 21.39 -15.75 7.10
N ILE B 238 20.20 -15.30 6.61
CA ILE B 238 19.34 -14.29 7.21
C ILE B 238 18.89 -14.58 8.64
N VAL B 239 18.37 -15.79 8.89
CA VAL B 239 17.77 -16.10 10.19
C VAL B 239 18.73 -16.87 11.11
N TYR B 240 19.31 -17.96 10.63
CA TYR B 240 20.22 -18.78 11.44
C TYR B 240 21.56 -18.10 11.68
N GLY B 241 22.06 -17.38 10.68
CA GLY B 241 23.34 -16.70 10.80
C GLY B 241 24.49 -17.55 10.32
N ASP B 242 25.48 -16.90 9.73
CA ASP B 242 26.68 -17.55 9.22
C ASP B 242 27.84 -17.08 10.11
N PHE B 243 28.42 -18.01 10.86
CA PHE B 243 29.51 -17.68 11.77
C PHE B 243 30.86 -18.24 11.29
N SER B 244 30.98 -18.60 10.01
CA SER B 244 32.18 -19.23 9.45
C SER B 244 33.25 -18.24 8.97
N HIS B 245 32.89 -16.99 8.66
CA HIS B 245 33.88 -15.99 8.25
C HIS B 245 34.08 -14.93 9.34
N SER B 246 35.11 -14.07 9.20
CA SER B 246 35.37 -13.02 10.19
C SER B 246 34.16 -12.10 10.34
N GLN B 247 33.51 -11.75 9.23
CA GLN B 247 32.29 -10.98 9.29
C GLN B 247 31.09 -11.94 9.42
N LEU B 248 30.35 -11.78 10.54
CA LEU B 248 29.15 -12.53 10.85
C LEU B 248 28.13 -12.24 9.76
N GLY B 249 27.62 -13.29 9.14
CA GLY B 249 26.67 -13.18 8.06
C GLY B 249 25.25 -13.30 8.53
N GLY B 250 24.40 -12.41 8.02
CA GLY B 250 22.98 -12.39 8.32
C GLY B 250 22.67 -12.16 9.78
N LEU B 251 21.79 -13.01 10.34
CA LEU B 251 21.36 -12.96 11.74
C LEU B 251 20.56 -11.66 12.02
N HIS B 252 19.45 -11.47 11.29
CA HIS B 252 18.65 -10.24 11.43
C HIS B 252 17.32 -10.44 12.13
N LEU B 253 16.95 -11.67 12.49
CA LEU B 253 15.68 -11.92 13.17
C LEU B 253 15.99 -12.31 14.61
N LEU B 254 15.32 -11.70 15.58
CA LEU B 254 15.55 -12.00 17.00
C LEU B 254 15.46 -13.50 17.34
N ILE B 255 14.50 -14.23 16.76
CA ILE B 255 14.37 -15.67 17.00
C ILE B 255 15.68 -16.43 16.65
N GLY B 256 16.39 -15.99 15.61
CA GLY B 256 17.65 -16.60 15.21
C GLY B 256 18.75 -16.36 16.22
N LEU B 257 18.76 -15.18 16.83
CA LEU B 257 19.69 -14.84 17.88
C LEU B 257 19.37 -15.64 19.13
N ALA B 258 18.06 -15.84 19.43
CA ALA B 258 17.61 -16.59 20.60
C ALA B 258 18.04 -18.05 20.49
N LYS B 259 17.89 -18.65 19.29
CA LYS B 259 18.28 -20.04 19.06
C LYS B 259 19.81 -20.20 19.28
N ARG B 260 20.60 -19.25 18.76
CA ARG B 260 22.06 -19.24 18.87
C ARG B 260 22.48 -19.08 20.32
N PHE B 261 21.83 -18.18 21.05
CA PHE B 261 22.10 -17.86 22.44
C PHE B 261 21.99 -19.05 23.38
N LYS B 262 21.03 -19.97 23.10
CA LYS B 262 20.85 -21.18 23.90
C LYS B 262 22.06 -22.10 23.77
N GLU B 263 22.68 -22.16 22.59
CA GLU B 263 23.85 -23.00 22.34
C GLU B 263 25.17 -22.30 22.76
N SER B 264 25.49 -21.14 22.16
CA SER B 264 26.71 -20.39 22.39
C SER B 264 26.39 -18.95 22.75
N PRO B 265 27.07 -18.39 23.75
CA PRO B 265 26.84 -16.98 24.09
C PRO B 265 27.51 -16.02 23.11
N PHE B 266 27.07 -14.77 23.11
CA PHE B 266 27.63 -13.73 22.26
C PHE B 266 27.37 -12.35 22.85
N GLU B 267 28.18 -11.37 22.46
CA GLU B 267 28.04 -10.02 22.96
C GLU B 267 27.24 -9.17 21.97
N LEU B 268 26.21 -8.46 22.46
CA LEU B 268 25.43 -7.56 21.64
C LEU B 268 25.68 -6.18 22.21
N GLU B 269 26.40 -5.33 21.49
CA GLU B 269 26.61 -3.96 21.95
C GLU B 269 25.49 -3.06 21.36
N ASP B 270 24.62 -2.56 22.23
CA ASP B 270 23.52 -1.68 21.89
C ASP B 270 24.08 -0.25 21.84
N PHE B 271 24.73 0.13 20.72
CA PHE B 271 25.42 1.43 20.62
C PHE B 271 24.47 2.66 20.47
N ILE B 272 23.18 2.45 20.21
CA ILE B 272 22.18 3.54 20.21
C ILE B 272 21.07 3.04 21.11
N PRO B 273 21.23 3.14 22.44
CA PRO B 273 20.22 2.57 23.34
C PRO B 273 18.90 3.36 23.43
N MET B 274 17.97 2.92 22.65
CA MET B 274 16.65 3.51 22.54
C MET B 274 15.67 2.46 22.04
N ASP B 275 14.39 2.70 22.22
CA ASP B 275 13.35 1.82 21.73
C ASP B 275 13.16 2.11 20.26
N SER B 276 13.33 1.08 19.42
CA SER B 276 13.06 1.24 18.01
C SER B 276 12.68 -0.08 17.35
N THR B 277 11.85 0.00 16.31
CA THR B 277 11.36 -1.14 15.52
C THR B 277 12.51 -2.03 15.06
N VAL B 278 13.55 -1.40 14.52
CA VAL B 278 14.76 -2.11 14.14
C VAL B 278 15.88 -1.71 15.10
N LYS B 279 16.58 -2.67 15.64
CA LYS B 279 17.68 -2.40 16.55
C LYS B 279 19.01 -2.68 15.87
N ASN B 280 20.06 -1.93 16.19
CA ASN B 280 21.38 -2.15 15.61
C ASN B 280 22.36 -2.55 16.69
N TYR B 281 23.05 -3.66 16.50
CA TYR B 281 24.03 -4.13 17.50
C TYR B 281 25.36 -4.42 16.90
N PHE B 282 26.41 -4.15 17.65
CA PHE B 282 27.76 -4.56 17.28
C PHE B 282 27.84 -5.94 17.92
N ILE B 283 27.78 -7.02 17.13
CA ILE B 283 27.76 -8.37 17.67
C ILE B 283 29.13 -9.07 17.56
N THR B 284 29.51 -9.83 18.60
CA THR B 284 30.75 -10.60 18.63
C THR B 284 30.35 -11.99 19.11
N ASP B 285 30.49 -13.00 18.26
CA ASP B 285 30.15 -14.36 18.65
C ASP B 285 31.32 -14.90 19.46
N ALA B 286 31.06 -15.29 20.72
CA ALA B 286 32.11 -15.76 21.62
C ALA B 286 32.76 -17.08 21.20
N GLN B 287 31.99 -17.99 20.61
CA GLN B 287 32.53 -19.29 20.20
C GLN B 287 33.49 -19.21 18.99
N THR B 288 33.06 -18.54 17.93
CA THR B 288 33.83 -18.47 16.70
C THR B 288 34.72 -17.22 16.54
N GLY B 289 34.33 -16.11 17.14
CA GLY B 289 35.01 -14.85 16.93
C GLY B 289 34.47 -14.12 15.70
N SER B 290 33.36 -14.62 15.11
CA SER B 290 32.70 -13.97 13.99
C SER B 290 32.05 -12.70 14.56
N SER B 291 32.15 -11.57 13.86
CA SER B 291 31.59 -10.31 14.37
C SER B 291 31.03 -9.39 13.26
N LYS B 292 30.18 -8.42 13.64
CA LYS B 292 29.62 -7.47 12.71
C LYS B 292 29.38 -6.16 13.47
N CYS B 293 29.92 -5.04 12.95
CA CYS B 293 29.78 -3.72 13.59
C CYS B 293 28.33 -3.28 13.68
N VAL B 294 27.59 -3.42 12.59
CA VAL B 294 26.20 -3.03 12.54
C VAL B 294 25.38 -4.21 12.10
N CYS B 295 24.77 -4.89 13.05
CA CYS B 295 23.90 -6.01 12.76
C CYS B 295 22.48 -5.57 13.10
N SER B 296 21.68 -5.27 12.08
CA SER B 296 20.31 -4.85 12.30
C SER B 296 19.46 -6.06 12.67
N VAL B 297 18.68 -5.94 13.73
CA VAL B 297 17.86 -7.02 14.24
C VAL B 297 16.45 -6.51 14.41
N ILE B 298 15.51 -7.30 13.95
CA ILE B 298 14.11 -7.02 14.12
C ILE B 298 13.48 -8.25 14.77
N ASP B 299 12.52 -8.03 15.67
CA ASP B 299 11.80 -9.13 16.27
C ASP B 299 10.43 -9.24 15.62
N LEU B 300 10.37 -9.93 14.50
CA LEU B 300 9.09 -10.20 13.85
C LEU B 300 8.73 -11.62 14.21
N LEU B 301 7.43 -11.95 14.26
CA LEU B 301 6.98 -13.34 14.42
C LEU B 301 7.49 -14.08 13.16
N LEU B 302 8.13 -15.25 13.31
CA LEU B 302 8.72 -15.93 12.14
C LEU B 302 7.75 -16.09 10.97
N ASP B 303 6.47 -16.29 11.25
CA ASP B 303 5.42 -16.42 10.24
C ASP B 303 5.26 -15.13 9.44
N ASP B 304 5.37 -13.98 10.12
CA ASP B 304 5.25 -12.65 9.50
C ASP B 304 6.43 -12.40 8.60
N PHE B 305 7.65 -12.76 9.06
CA PHE B 305 8.86 -12.60 8.28
C PHE B 305 8.80 -13.48 7.02
N VAL B 306 8.32 -14.74 7.17
CA VAL B 306 8.18 -15.69 6.07
C VAL B 306 7.17 -15.15 5.04
N GLU B 307 6.04 -14.56 5.50
CA GLU B 307 5.06 -13.96 4.60
C GLU B 307 5.69 -12.80 3.81
N ILE B 308 6.45 -11.93 4.48
CA ILE B 308 7.12 -10.79 3.84
C ILE B 308 8.12 -11.27 2.77
N ILE B 309 9.02 -12.19 3.12
CA ILE B 309 10.03 -12.65 2.18
C ILE B 309 9.42 -13.43 1.02
N LYS B 310 8.37 -14.22 1.27
CA LYS B 310 7.68 -14.97 0.22
C LYS B 310 6.78 -14.11 -0.68
N SER B 311 6.55 -12.85 -0.31
CA SER B 311 5.73 -11.94 -1.10
C SER B 311 6.59 -10.98 -1.94
N GLN B 312 7.87 -11.31 -2.15
CA GLN B 312 8.77 -10.46 -2.92
C GLN B 312 9.13 -11.05 -4.28
N ASP B 313 9.37 -10.17 -5.24
CA ASP B 313 9.80 -10.58 -6.56
C ASP B 313 11.30 -10.87 -6.44
N LEU B 314 11.73 -12.10 -6.80
CA LEU B 314 13.13 -12.49 -6.68
C LEU B 314 13.94 -12.40 -7.98
N SER B 315 13.50 -11.59 -8.94
CA SER B 315 14.18 -11.48 -10.24
C SER B 315 15.15 -10.31 -10.37
N VAL B 316 15.26 -9.46 -9.34
CA VAL B 316 16.15 -8.29 -9.40
C VAL B 316 17.39 -8.54 -8.55
N VAL B 317 18.56 -8.04 -8.99
CA VAL B 317 19.79 -8.21 -8.22
C VAL B 317 19.68 -7.56 -6.83
N SER B 318 19.34 -6.27 -6.76
CA SER B 318 19.19 -5.58 -5.49
C SER B 318 18.09 -4.54 -5.55
N LYS B 319 17.31 -4.43 -4.48
CA LYS B 319 16.24 -3.45 -4.42
C LYS B 319 15.76 -3.18 -3.00
N VAL B 320 15.15 -2.02 -2.80
CA VAL B 320 14.61 -1.65 -1.51
C VAL B 320 13.17 -2.18 -1.45
N VAL B 321 12.85 -2.93 -0.38
CA VAL B 321 11.56 -3.51 -0.09
C VAL B 321 11.05 -2.75 1.13
N LYS B 322 9.94 -2.05 1.01
CA LYS B 322 9.38 -1.28 2.12
C LYS B 322 8.22 -2.03 2.77
N VAL B 323 8.26 -2.17 4.10
CA VAL B 323 7.24 -2.91 4.85
C VAL B 323 6.77 -2.08 6.03
N THR B 324 5.44 -1.90 6.18
CA THR B 324 4.92 -1.18 7.33
C THR B 324 5.00 -2.09 8.54
N ILE B 325 5.76 -1.65 9.57
CA ILE B 325 5.99 -2.39 10.82
C ILE B 325 5.89 -1.36 11.93
N ASP B 326 5.01 -1.62 12.93
CA ASP B 326 4.77 -0.72 14.05
C ASP B 326 4.33 0.66 13.55
N TYR B 327 3.54 0.71 12.46
CA TYR B 327 3.00 1.90 11.80
C TYR B 327 4.01 2.70 10.99
N THR B 328 5.28 2.29 10.98
CA THR B 328 6.31 3.02 10.24
C THR B 328 6.79 2.25 9.00
N GLU B 329 7.34 2.95 8.01
CA GLU B 329 7.86 2.30 6.83
C GLU B 329 9.29 1.83 7.07
N ILE B 330 9.51 0.50 7.11
CA ILE B 330 10.83 -0.06 7.29
C ILE B 330 11.38 -0.49 5.93
N SER B 331 12.55 0.03 5.56
CA SER B 331 13.20 -0.34 4.32
C SER B 331 14.10 -1.54 4.55
N PHE B 332 13.99 -2.52 3.68
CA PHE B 332 14.78 -3.72 3.69
C PHE B 332 15.54 -3.78 2.40
N MET B 333 16.73 -4.32 2.46
CA MET B 333 17.53 -4.51 1.27
C MET B 333 17.36 -5.96 0.84
N LEU B 334 16.90 -6.19 -0.38
CA LEU B 334 16.72 -7.54 -0.89
C LEU B 334 17.72 -7.82 -2.00
N TRP B 335 18.54 -8.85 -1.82
CA TRP B 335 19.57 -9.24 -2.78
C TRP B 335 19.27 -10.62 -3.30
N CYS B 336 19.12 -10.74 -4.62
CA CYS B 336 18.80 -12.02 -5.23
C CYS B 336 19.83 -12.40 -6.31
N LYS B 337 19.85 -13.69 -6.67
CA LYS B 337 20.70 -14.24 -7.72
C LYS B 337 20.01 -15.49 -8.24
N ASP B 338 19.81 -15.58 -9.58
CA ASP B 338 19.20 -16.71 -10.27
C ASP B 338 17.85 -17.15 -9.70
N GLY B 339 17.04 -16.18 -9.28
CA GLY B 339 15.71 -16.44 -8.74
C GLY B 339 15.67 -16.84 -7.27
N HIS B 340 16.82 -16.86 -6.60
CA HIS B 340 16.86 -17.18 -5.18
C HIS B 340 17.37 -16.02 -4.36
N VAL B 341 17.00 -15.96 -3.07
CA VAL B 341 17.47 -14.92 -2.16
C VAL B 341 18.93 -15.19 -1.80
N GLU B 342 19.73 -14.12 -1.71
CA GLU B 342 21.10 -14.18 -1.24
C GLU B 342 21.08 -13.61 0.19
N THR B 343 20.48 -12.42 0.36
CA THR B 343 20.27 -11.77 1.67
C THR B 343 19.06 -10.83 1.65
N PHE B 344 18.50 -10.57 2.82
CA PHE B 344 17.35 -9.70 3.02
C PHE B 344 17.51 -9.14 4.42
N TYR B 345 17.76 -7.83 4.53
CA TYR B 345 18.03 -7.23 5.83
C TYR B 345 17.43 -5.86 6.00
N PRO B 346 17.08 -5.45 7.24
CA PRO B 346 16.62 -4.06 7.45
C PRO B 346 17.74 -3.08 7.09
N LYS B 347 17.54 -2.35 5.98
CA LYS B 347 18.46 -1.40 5.35
C LYS B 347 19.05 -0.38 6.31
N LEU B 348 20.40 -0.40 6.43
CA LEU B 348 21.17 0.49 7.30
C LEU B 348 21.30 1.85 6.60
N GLN B 349 20.53 2.84 7.07
CA GLN B 349 20.52 4.15 6.42
C GLN B 349 20.89 5.29 7.36
N1 K3A C . -13.72 11.16 18.14
C4 K3A C . -14.75 11.26 17.29
C5 K3A C . -16.09 10.53 17.44
N K3A C . -12.35 13.55 15.79
C K3A C . -12.16 15.12 13.72
O K3A C . -13.93 13.68 14.18
C1 K3A C . -12.88 14.08 14.56
C2 K3A C . -13.13 12.58 16.54
C3 K3A C . -14.41 12.16 16.30
N2 K3A C . -12.73 11.97 17.65
#